data_7CIG
#
_entry.id   7CIG
#
_cell.length_a   125.037
_cell.length_b   147.378
_cell.length_c   53.828
_cell.angle_alpha   90.00
_cell.angle_beta   100.01
_cell.angle_gamma   90.00
#
_symmetry.space_group_name_H-M   'C 1 2 1'
#
loop_
_entity.id
_entity.type
_entity.pdbx_description
1 polymer 'L-methionine decarboxylase'
2 non-polymer 'methyl (2S)-2-[[2-methyl-3-oxidanyl-5-(phosphonooxymethyl)pyridin-4-yl]methylamino]-4-methylsulfanyl-butanoate'
3 water water
#
_entity_poly.entity_id   1
_entity_poly.type   'polypeptide(L)'
_entity_poly.pdbx_seq_one_letter_code
;MSPTAFPAAETATAPATAVDPGPELDGGDFALPEGGLDDDRRLRALDAVDEYLTRKRKHLVGYAATQDMQGTALDLARFM
PNNINNLGDPFQSGGYKPNTKVVERAVLDYYAKLWHAERPHDPADPESYWGYMLSMGSTEGNMYALWNARDYLSGKALIQ
PPTAPFDAVRYVKADPDRRNPNAHHPVAFYSEDTHYSFAKAVAVLGVETFHAVGLEKYADECPLVDPVTGLRTWPTEVPS
RPGPSGLSWDGPGEIDVDALAVLVEFFAAKGHPVFVNLNLGSTFKGAHDDVRAVCERLLPIFERHGLVQREVVYGSCPQT
GRPLVDVRRGFWIHVDGALGAGYAPFLRLAAEDPEGYGWTPEAELPEFDFGLRLPTAGHGEVDMVSSIAMSGHKWAGAPW
PCGIYMTKVKYQISPPSQPDYIGAPDTTFAGSRNGFSPLILWDHLSRYSYRDQVERIREAQELAAYLERRLTAMERELGV
ELWPARTPGAVTVRFRKPSAELVAKWSLSSQDVLMVPGDETTRRSYVHVFVMPSVDRAKLDALLAELAEDPVILGAP
;
_entity_poly.pdbx_strand_id   A,B
#
loop_
_chem_comp.id
_chem_comp.type
_chem_comp.name
_chem_comp.formula
G03 non-polymer 'methyl (2S)-2-[[2-methyl-3-oxidanyl-5-(phosphonooxymethyl)pyridin-4-yl]methylamino]-4-methylsulfanyl-butanoate' 'C14 H23 N2 O7 P S'
#
# COMPACT_ATOMS: atom_id res chain seq x y z
N GLU A 24 5.76 0.26 -29.70
CA GLU A 24 6.14 0.57 -28.29
C GLU A 24 6.75 1.96 -28.15
N LEU A 25 6.89 2.40 -26.91
CA LEU A 25 7.50 3.70 -26.61
C LEU A 25 9.02 3.55 -26.52
N ASP A 26 9.71 4.54 -27.09
CA ASP A 26 11.16 4.61 -27.15
C ASP A 26 11.67 5.39 -25.93
N GLY A 27 12.49 4.75 -25.11
CA GLY A 27 13.04 5.38 -23.90
C GLY A 27 13.82 6.65 -24.13
N GLY A 28 14.43 6.80 -25.32
CA GLY A 28 15.17 8.02 -25.66
C GLY A 28 14.34 9.30 -25.60
N ASP A 29 13.06 9.20 -25.96
CA ASP A 29 12.13 10.33 -25.92
C ASP A 29 11.78 10.75 -24.50
N PHE A 30 12.01 9.84 -23.54
CA PHE A 30 11.62 10.05 -22.15
C PHE A 30 12.75 10.33 -21.19
N ALA A 31 14.01 10.15 -21.62
CA ALA A 31 15.13 10.39 -20.70
C ALA A 31 15.07 11.84 -20.23
N LEU A 32 15.34 12.04 -18.95
CA LEU A 32 15.22 13.32 -18.27
C LEU A 32 16.62 13.89 -18.06
N PRO A 33 17.01 14.87 -18.88
CA PRO A 33 18.36 15.47 -18.72
C PRO A 33 18.50 16.35 -17.49
N GLU A 34 19.74 16.56 -17.05
CA GLU A 34 20.00 17.54 -15.98
C GLU A 34 19.36 18.89 -16.26
N GLY A 35 19.39 19.32 -17.52
CA GLY A 35 18.90 20.62 -17.88
C GLY A 35 17.41 20.76 -18.14
N GLY A 36 16.65 19.67 -17.99
CA GLY A 36 15.24 19.67 -18.30
C GLY A 36 14.99 19.48 -19.78
N LEU A 37 13.72 19.35 -20.12
CA LEU A 37 13.23 19.32 -21.49
C LEU A 37 12.47 20.61 -21.81
N ASP A 38 12.61 21.08 -23.04
CA ASP A 38 11.79 22.18 -23.55
C ASP A 38 10.34 21.74 -23.84
N ASP A 39 9.47 22.72 -24.05
CA ASP A 39 8.04 22.46 -24.27
C ASP A 39 7.79 21.57 -25.48
N ASP A 40 8.61 21.70 -26.54
CA ASP A 40 8.44 20.84 -27.73
C ASP A 40 8.78 19.37 -27.45
N ARG A 41 9.92 19.10 -26.83
CA ARG A 41 10.28 17.72 -26.50
C ARG A 41 9.29 17.13 -25.50
N ARG A 42 8.84 17.94 -24.55
CA ARG A 42 7.86 17.47 -23.56
C ARG A 42 6.55 17.06 -24.23
N LEU A 43 6.05 17.90 -25.12
CA LEU A 43 4.78 17.61 -25.77
C LEU A 43 4.91 16.40 -26.71
N ARG A 44 6.02 16.31 -27.42
CA ARG A 44 6.23 15.18 -28.30
C ARG A 44 6.17 13.87 -27.51
N ALA A 45 6.80 13.84 -26.35
CA ALA A 45 6.80 12.64 -25.52
C ALA A 45 5.42 12.34 -25.00
N LEU A 46 4.73 13.34 -24.47
CA LEU A 46 3.38 13.12 -23.94
C LEU A 46 2.43 12.68 -25.05
N ASP A 47 2.57 13.25 -26.25
CA ASP A 47 1.79 12.78 -27.39
C ASP A 47 2.10 11.32 -27.72
N ALA A 48 3.37 10.93 -27.68
CA ALA A 48 3.70 9.53 -27.93
C ALA A 48 3.03 8.62 -26.91
N VAL A 49 3.04 9.01 -25.64
CA VAL A 49 2.39 8.19 -24.57
C VAL A 49 0.92 8.11 -24.83
N ASP A 50 0.29 9.22 -25.16
CA ASP A 50 -1.16 9.23 -25.38
C ASP A 50 -1.54 8.35 -26.58
N GLU A 51 -0.79 8.47 -27.66
CA GLU A 51 -1.07 7.66 -28.83
C GLU A 51 -0.96 6.17 -28.50
N TYR A 52 0.07 5.81 -27.75
CA TYR A 52 0.24 4.40 -27.32
C TYR A 52 -0.91 3.95 -26.41
N LEU A 53 -1.17 4.69 -25.34
CA LEU A 53 -2.21 4.32 -24.38
C LEU A 53 -3.60 4.27 -24.99
N THR A 54 -3.87 5.21 -25.89
CA THR A 54 -5.18 5.30 -26.52
C THR A 54 -5.40 4.07 -27.38
N ARG A 55 -4.41 3.70 -28.18
CA ARG A 55 -4.51 2.52 -29.01
C ARG A 55 -4.72 1.27 -28.13
N LYS A 56 -3.91 1.13 -27.11
CA LYS A 56 -4.03 -0.04 -26.25
C LYS A 56 -5.34 -0.07 -25.48
N ARG A 57 -5.79 1.06 -24.92
CA ARG A 57 -6.98 1.03 -24.08
C ARG A 57 -8.23 0.66 -24.88
N LYS A 58 -8.30 1.08 -26.13
CA LYS A 58 -9.46 0.77 -26.95
C LYS A 58 -9.56 -0.71 -27.34
N HIS A 59 -8.45 -1.42 -27.27
CA HIS A 59 -8.42 -2.85 -27.63
C HIS A 59 -8.23 -3.75 -26.42
N LEU A 60 -8.05 -3.20 -25.22
CA LEU A 60 -7.81 -4.08 -24.07
C LEU A 60 -9.09 -4.85 -23.78
N VAL A 61 -8.98 -6.18 -23.84
CA VAL A 61 -10.08 -7.05 -23.43
C VAL A 61 -9.64 -8.19 -22.54
N GLY A 62 -8.37 -8.27 -22.16
CA GLY A 62 -7.84 -9.43 -21.46
C GLY A 62 -7.68 -9.31 -19.98
N TYR A 63 -8.01 -8.16 -19.41
CA TYR A 63 -7.87 -7.94 -17.96
C TYR A 63 -9.18 -7.37 -17.43
N ALA A 64 -9.43 -7.60 -16.14
CA ALA A 64 -10.66 -7.16 -15.51
C ALA A 64 -10.52 -5.69 -15.16
N ALA A 65 -10.57 -4.81 -16.16
CA ALA A 65 -10.33 -3.40 -15.99
C ALA A 65 -11.23 -2.61 -16.92
N THR A 66 -12.25 -1.97 -16.38
CA THR A 66 -13.13 -1.14 -17.18
C THR A 66 -12.35 0.04 -17.73
N GLN A 67 -12.48 0.25 -19.04
CA GLN A 67 -11.59 1.15 -19.81
C GLN A 67 -12.26 2.43 -20.22
N ASP A 68 -13.57 2.56 -20.01
CA ASP A 68 -14.27 3.79 -20.38
C ASP A 68 -14.56 4.70 -19.18
N MET A 69 -14.02 5.93 -19.27
CA MET A 69 -14.03 6.98 -18.24
C MET A 69 -13.91 8.41 -18.85
N GLN A 70 -14.59 8.65 -19.96
CA GLN A 70 -14.59 9.98 -20.59
C GLN A 70 -15.33 10.99 -19.69
N GLY A 71 -16.47 10.57 -19.11
CA GLY A 71 -17.23 11.38 -18.17
C GLY A 71 -16.44 11.75 -16.93
N THR A 72 -15.79 10.73 -16.34
CA THR A 72 -14.84 10.91 -15.24
C THR A 72 -13.83 12.02 -15.53
N ALA A 73 -13.17 11.92 -16.67
CA ALA A 73 -12.14 12.86 -17.06
C ALA A 73 -12.71 14.27 -17.18
N LEU A 74 -13.85 14.41 -17.88
CA LEU A 74 -14.47 15.71 -17.98
C LEU A 74 -14.86 16.30 -16.63
N ASP A 75 -15.45 15.49 -15.76
CA ASP A 75 -15.93 15.99 -14.48
C ASP A 75 -14.78 16.29 -13.52
N LEU A 76 -13.68 15.52 -13.59
CA LEU A 76 -12.73 15.51 -12.48
C LEU A 76 -11.33 16.01 -12.76
N ALA A 77 -10.99 16.29 -14.02
CA ALA A 77 -9.70 16.88 -14.33
C ALA A 77 -9.41 18.15 -13.55
N ARG A 78 -10.45 18.92 -13.28
CA ARG A 78 -10.36 20.13 -12.46
C ARG A 78 -9.69 19.97 -11.11
N PHE A 79 -9.68 18.75 -10.56
CA PHE A 79 -9.07 18.51 -9.25
C PHE A 79 -7.57 18.22 -9.27
N MET A 80 -7.04 18.06 -10.48
N MET A 80 -7.00 18.06 -10.45
CA MET A 80 -5.62 17.76 -10.70
CA MET A 80 -5.58 17.73 -10.52
C MET A 80 -4.62 18.75 -10.07
C MET A 80 -4.62 18.76 -9.94
N PRO A 81 -4.99 20.04 -9.93
CA PRO A 81 -4.14 21.00 -9.21
C PRO A 81 -4.01 20.86 -7.69
N ASN A 82 -4.81 20.00 -7.06
CA ASN A 82 -4.83 19.88 -5.61
C ASN A 82 -4.01 18.71 -5.16
N ASN A 83 -3.19 18.92 -4.15
CA ASN A 83 -2.49 17.85 -3.47
C ASN A 83 -3.42 17.37 -2.35
N ILE A 84 -4.31 16.46 -2.72
CA ILE A 84 -5.36 15.98 -1.82
C ILE A 84 -4.77 14.90 -0.94
N ASN A 85 -5.12 14.87 0.34
CA ASN A 85 -4.58 13.82 1.21
C ASN A 85 -5.60 13.47 2.24
N ASN A 86 -6.06 12.21 2.20
CA ASN A 86 -7.04 11.71 3.18
C ASN A 86 -6.36 11.00 4.32
N LEU A 87 -5.21 11.52 4.72
CA LEU A 87 -4.46 11.13 5.89
C LEU A 87 -5.34 10.88 7.10
N GLY A 88 -5.17 9.72 7.72
CA GLY A 88 -5.96 9.34 8.87
C GLY A 88 -7.27 8.62 8.55
N ASP A 89 -7.95 8.24 9.62
CA ASP A 89 -9.21 7.53 9.52
C ASP A 89 -10.24 8.35 8.71
N PRO A 90 -11.05 7.67 7.87
CA PRO A 90 -12.04 8.42 7.09
C PRO A 90 -13.12 9.11 7.90
N PHE A 91 -13.32 8.68 9.15
CA PHE A 91 -14.43 9.15 9.98
C PHE A 91 -13.97 10.17 11.00
N GLN A 92 -12.71 10.57 10.90
CA GLN A 92 -12.14 11.50 11.85
C GLN A 92 -11.67 12.70 11.12
N SER A 93 -11.87 13.83 11.79
CA SER A 93 -11.25 15.09 11.42
C SER A 93 -9.74 14.95 11.56
N GLY A 94 -9.02 15.70 10.76
CA GLY A 94 -7.59 15.74 10.87
C GLY A 94 -7.14 17.12 10.47
N GLY A 95 -5.84 17.35 10.56
CA GLY A 95 -5.30 18.66 10.29
C GLY A 95 -5.06 19.00 8.82
N TYR A 96 -4.98 17.98 7.97
CA TYR A 96 -4.70 18.20 6.55
C TYR A 96 -6.06 18.51 5.88
N LYS A 97 -6.40 19.79 5.80
CA LYS A 97 -7.75 20.15 5.37
C LYS A 97 -8.09 19.94 3.89
N PRO A 98 -7.11 19.98 2.97
CA PRO A 98 -7.46 19.58 1.58
C PRO A 98 -7.61 18.05 1.48
N ASN A 99 -8.76 17.59 1.98
CA ASN A 99 -9.10 16.18 1.96
C ASN A 99 -10.54 16.03 1.47
N THR A 100 -10.87 14.84 0.99
CA THR A 100 -12.19 14.49 0.51
C THR A 100 -12.87 13.46 1.39
N LYS A 101 -12.62 13.49 2.69
CA LYS A 101 -13.19 12.42 3.54
C LYS A 101 -14.72 12.44 3.54
N VAL A 102 -15.35 13.60 3.35
CA VAL A 102 -16.83 13.63 3.24
C VAL A 102 -17.28 12.79 2.04
N VAL A 103 -16.53 12.89 0.94
CA VAL A 103 -16.83 12.13 -0.25
C VAL A 103 -16.51 10.65 -0.04
N GLU A 104 -15.38 10.37 0.60
CA GLU A 104 -14.98 9.01 0.90
C GLU A 104 -16.05 8.31 1.73
N ARG A 105 -16.57 8.98 2.76
CA ARG A 105 -17.63 8.41 3.57
C ARG A 105 -18.90 8.16 2.77
N ALA A 106 -19.22 9.02 1.81
CA ALA A 106 -20.41 8.78 0.99
C ALA A 106 -20.23 7.53 0.15
N VAL A 107 -19.04 7.32 -0.40
CA VAL A 107 -18.75 6.13 -1.19
C VAL A 107 -18.81 4.87 -0.30
N LEU A 108 -18.14 4.93 0.84
CA LEU A 108 -18.17 3.80 1.78
C LEU A 108 -19.60 3.48 2.21
N ASP A 109 -20.42 4.51 2.49
CA ASP A 109 -21.82 4.29 2.87
C ASP A 109 -22.58 3.56 1.76
N TYR A 110 -22.32 3.92 0.50
CA TYR A 110 -23.03 3.31 -0.62
C TYR A 110 -22.68 1.83 -0.70
N TYR A 111 -21.40 1.48 -0.61
CA TYR A 111 -21.02 0.07 -0.66
C TYR A 111 -21.43 -0.68 0.62
N ALA A 112 -21.48 0.01 1.76
CA ALA A 112 -21.95 -0.62 3.02
C ALA A 112 -23.39 -1.09 2.81
N LYS A 113 -24.23 -0.22 2.28
CA LYS A 113 -25.62 -0.59 1.97
C LYS A 113 -25.64 -1.71 0.93
N LEU A 114 -24.85 -1.60 -0.12
CA LEU A 114 -24.88 -2.60 -1.19
C LEU A 114 -24.49 -3.99 -0.67
N TRP A 115 -23.59 -4.04 0.30
CA TRP A 115 -23.09 -5.26 0.91
C TRP A 115 -23.80 -5.61 2.23
N HIS A 116 -24.97 -5.00 2.45
CA HIS A 116 -25.79 -5.30 3.66
C HIS A 116 -25.02 -5.20 4.99
N ALA A 117 -24.11 -4.23 5.06
CA ALA A 117 -23.47 -3.82 6.29
C ALA A 117 -24.40 -2.91 7.08
N GLU A 118 -24.07 -2.73 8.36
CA GLU A 118 -24.86 -1.85 9.24
C GLU A 118 -24.30 -0.43 9.19
N ARG A 119 -25.13 0.55 8.87
CA ARG A 119 -24.72 1.97 8.82
C ARG A 119 -25.64 2.80 9.71
N PRO A 120 -25.21 3.98 10.17
CA PRO A 120 -23.90 4.56 9.90
C PRO A 120 -22.79 3.86 10.65
N HIS A 121 -21.54 4.07 10.21
CA HIS A 121 -20.40 3.72 11.03
C HIS A 121 -20.57 4.45 12.38
N ASP A 122 -20.42 3.71 13.46
CA ASP A 122 -20.51 4.28 14.81
C ASP A 122 -19.52 3.55 15.67
N PRO A 123 -18.51 4.25 16.20
CA PRO A 123 -17.53 3.55 17.03
C PRO A 123 -18.12 2.87 18.28
N ALA A 124 -19.29 3.34 18.73
CA ALA A 124 -20.04 2.74 19.85
C ALA A 124 -20.92 1.56 19.48
N ASP A 125 -21.04 1.25 18.18
CA ASP A 125 -21.83 0.10 17.74
C ASP A 125 -20.90 -0.98 17.16
N PRO A 126 -20.62 -2.05 17.92
CA PRO A 126 -19.73 -3.12 17.48
C PRO A 126 -20.13 -3.71 16.13
N GLU A 127 -21.42 -3.72 15.82
CA GLU A 127 -21.95 -4.33 14.61
C GLU A 127 -21.90 -3.42 13.41
N SER A 128 -21.61 -2.13 13.62
CA SER A 128 -21.60 -1.18 12.51
C SER A 128 -20.35 -1.35 11.67
N TYR A 129 -20.43 -0.92 10.42
CA TYR A 129 -19.29 -1.11 9.54
C TYR A 129 -18.17 -0.15 9.93
N TRP A 130 -16.96 -0.58 9.59
CA TRP A 130 -15.82 0.33 9.45
C TRP A 130 -15.10 -0.06 8.18
N GLY A 131 -14.59 0.94 7.44
CA GLY A 131 -13.81 0.64 6.27
C GLY A 131 -13.11 1.88 5.81
N TYR A 132 -12.34 1.75 4.74
CA TYR A 132 -11.64 2.90 4.19
C TYR A 132 -11.30 2.63 2.73
N MET A 133 -11.04 3.69 2.01
CA MET A 133 -10.64 3.58 0.61
C MET A 133 -9.13 3.41 0.48
N LEU A 134 -8.77 2.45 -0.37
CA LEU A 134 -7.42 1.99 -0.58
C LEU A 134 -6.65 2.93 -1.50
N SER A 135 -5.37 3.05 -1.21
CA SER A 135 -4.44 3.83 -2.05
C SER A 135 -3.68 2.97 -3.07
N MET A 136 -3.50 1.68 -2.76
CA MET A 136 -3.13 0.67 -3.78
C MET A 136 -4.49 0.08 -4.29
N GLY A 137 -4.43 -1.03 -5.00
CA GLY A 137 -5.61 -1.82 -5.29
C GLY A 137 -5.99 -2.80 -4.20
N SER A 138 -6.70 -3.86 -4.57
CA SER A 138 -7.14 -4.85 -3.57
C SER A 138 -5.95 -5.52 -2.89
N THR A 139 -4.75 -5.43 -3.44
CA THR A 139 -3.59 -5.94 -2.71
C THR A 139 -3.54 -5.33 -1.33
N GLU A 140 -3.78 -4.02 -1.24
CA GLU A 140 -3.84 -3.36 0.08
C GLU A 140 -4.97 -3.91 0.96
N GLY A 141 -6.13 -4.15 0.37
CA GLY A 141 -7.28 -4.59 1.12
C GLY A 141 -7.11 -6.00 1.64
N ASN A 142 -6.52 -6.86 0.82
CA ASN A 142 -6.23 -8.23 1.25
C ASN A 142 -5.12 -8.26 2.30
N MET A 143 -4.11 -7.41 2.14
CA MET A 143 -3.07 -7.29 3.16
C MET A 143 -3.68 -6.80 4.47
N TYR A 144 -4.53 -5.79 4.40
CA TYR A 144 -5.14 -5.25 5.60
C TYR A 144 -6.03 -6.31 6.27
N ALA A 145 -6.80 -7.03 5.46
CA ALA A 145 -7.66 -8.09 5.97
C ALA A 145 -6.84 -9.11 6.74
N LEU A 146 -5.75 -9.57 6.15
CA LEU A 146 -4.94 -10.60 6.78
C LEU A 146 -4.22 -10.08 8.03
N TRP A 147 -3.81 -8.81 8.01
CA TRP A 147 -3.22 -8.17 9.19
C TRP A 147 -4.24 -8.11 10.32
N ASN A 148 -5.41 -7.61 10.00
CA ASN A 148 -6.51 -7.44 10.94
C ASN A 148 -6.89 -8.80 11.52
N ALA A 149 -6.97 -9.83 10.67
CA ALA A 149 -7.37 -11.18 11.12
C ALA A 149 -6.26 -11.83 11.94
N ARG A 150 -5.01 -11.66 11.49
CA ARG A 150 -3.86 -12.20 12.23
C ARG A 150 -3.92 -11.67 13.66
N ASP A 151 -4.07 -10.36 13.81
CA ASP A 151 -4.03 -9.75 15.15
C ASP A 151 -5.26 -10.10 15.95
N TYR A 152 -6.42 -10.13 15.30
CA TYR A 152 -7.68 -10.43 15.99
C TYR A 152 -7.68 -11.87 16.50
N LEU A 153 -7.27 -12.80 15.65
CA LEU A 153 -7.26 -14.23 15.96
C LEU A 153 -6.13 -14.65 16.90
N SER A 154 -5.02 -13.91 16.91
N SER A 154 -5.02 -13.91 16.94
CA SER A 154 -3.90 -14.21 17.79
CA SER A 154 -3.90 -14.23 17.82
C SER A 154 -4.06 -13.64 19.20
C SER A 154 -3.92 -13.45 19.14
N GLY A 155 -4.98 -12.68 19.39
CA GLY A 155 -5.17 -12.00 20.68
C GLY A 155 -4.45 -10.69 20.92
N LYS A 156 -4.11 -9.95 19.87
CA LYS A 156 -3.59 -8.57 20.06
C LYS A 156 -4.74 -7.64 20.47
N ALA A 157 -4.42 -6.50 21.11
CA ALA A 157 -5.48 -5.67 21.74
C ALA A 157 -6.40 -4.98 20.71
N LEU A 158 -7.70 -4.95 21.00
CA LEU A 158 -8.70 -4.32 20.13
C LEU A 158 -8.76 -2.83 20.36
N ILE A 159 -9.38 -2.12 19.42
CA ILE A 159 -9.49 -0.66 19.47
C ILE A 159 -10.34 -0.27 20.67
N GLN A 160 -9.95 0.83 21.33
CA GLN A 160 -10.68 1.30 22.50
C GLN A 160 -11.99 1.98 22.06
N PRO A 161 -13.16 1.46 22.50
CA PRO A 161 -14.43 2.17 22.20
C PRO A 161 -14.57 3.50 22.96
N PRO A 162 -15.60 4.31 22.65
CA PRO A 162 -15.78 5.64 23.27
C PRO A 162 -15.92 5.60 24.80
N ARG A 179 -5.90 -27.66 28.20
CA ARG A 179 -5.84 -26.30 27.66
C ARG A 179 -5.54 -26.34 26.15
N ASN A 180 -4.91 -25.29 25.58
CA ASN A 180 -4.77 -25.15 24.13
C ASN A 180 -3.50 -24.39 23.69
N PRO A 181 -2.40 -25.14 23.38
CA PRO A 181 -1.19 -24.46 22.91
C PRO A 181 -1.28 -23.85 21.50
N ASN A 182 -2.35 -24.14 20.76
CA ASN A 182 -2.57 -23.58 19.41
C ASN A 182 -3.54 -22.41 19.37
N ALA A 183 -4.01 -21.95 20.53
CA ALA A 183 -5.06 -20.93 20.63
C ALA A 183 -4.70 -19.62 19.93
N HIS A 184 -3.41 -19.27 19.93
CA HIS A 184 -2.94 -18.02 19.36
C HIS A 184 -2.14 -18.22 18.06
N HIS A 185 -2.38 -19.35 17.37
CA HIS A 185 -1.67 -19.69 16.13
C HIS A 185 -2.70 -19.86 14.99
N PRO A 186 -3.10 -18.75 14.36
CA PRO A 186 -4.13 -18.86 13.31
C PRO A 186 -3.60 -19.58 12.08
N VAL A 187 -4.49 -20.25 11.36
CA VAL A 187 -4.13 -20.99 10.15
C VAL A 187 -5.00 -20.48 9.02
N ALA A 188 -4.38 -20.21 7.87
CA ALA A 188 -5.08 -19.63 6.69
C ALA A 188 -5.42 -20.68 5.64
N PHE A 189 -6.61 -20.53 5.05
CA PHE A 189 -7.16 -21.44 4.07
C PHE A 189 -7.69 -20.64 2.90
N TYR A 190 -7.36 -21.06 1.68
CA TYR A 190 -7.95 -20.49 0.49
C TYR A 190 -7.66 -21.44 -0.68
N SER A 191 -8.39 -21.26 -1.77
CA SER A 191 -8.34 -22.23 -2.86
C SER A 191 -7.13 -22.02 -3.76
N GLU A 192 -6.92 -22.99 -4.64
CA GLU A 192 -5.86 -22.86 -5.64
C GLU A 192 -6.08 -21.79 -6.70
N ASP A 193 -7.28 -21.22 -6.77
CA ASP A 193 -7.57 -20.12 -7.69
C ASP A 193 -7.40 -18.75 -7.03
N THR A 194 -6.88 -18.73 -5.80
CA THR A 194 -6.64 -17.48 -5.09
C THR A 194 -5.53 -16.65 -5.75
N HIS A 195 -5.74 -15.34 -5.80
CA HIS A 195 -4.79 -14.40 -6.40
C HIS A 195 -3.47 -14.36 -5.64
N TYR A 196 -2.39 -14.11 -6.39
CA TYR A 196 -1.00 -14.06 -5.84
C TYR A 196 -0.76 -13.08 -4.70
N SER A 197 -1.59 -12.05 -4.56
CA SER A 197 -1.55 -11.16 -3.40
C SER A 197 -1.66 -11.86 -2.06
N PHE A 198 -2.35 -12.98 -1.98
CA PHE A 198 -2.38 -13.75 -0.72
C PHE A 198 -1.08 -14.42 -0.36
N ALA A 199 -0.44 -15.09 -1.32
CA ALA A 199 0.90 -15.62 -1.07
C ALA A 199 1.85 -14.54 -0.59
N LYS A 200 1.78 -13.37 -1.24
CA LYS A 200 2.55 -12.21 -0.80
C LYS A 200 2.19 -11.75 0.60
N ALA A 201 0.90 -11.51 0.82
CA ALA A 201 0.44 -11.06 2.12
C ALA A 201 0.78 -12.02 3.25
N VAL A 202 0.61 -13.32 3.02
CA VAL A 202 1.03 -14.33 4.00
C VAL A 202 2.50 -14.19 4.40
N ALA A 203 3.36 -14.01 3.40
CA ALA A 203 4.81 -13.84 3.65
C ALA A 203 5.13 -12.53 4.36
N VAL A 204 4.51 -11.44 3.94
CA VAL A 204 4.67 -10.14 4.62
C VAL A 204 4.30 -10.20 6.09
N LEU A 205 3.14 -10.80 6.37
CA LEU A 205 2.53 -10.75 7.66
C LEU A 205 2.91 -11.91 8.58
N GLY A 206 3.63 -12.90 8.06
CA GLY A 206 3.99 -14.07 8.84
C GLY A 206 2.77 -14.89 9.25
N VAL A 207 1.78 -14.99 8.38
CA VAL A 207 0.61 -15.79 8.63
C VAL A 207 0.89 -17.17 8.09
N GLU A 208 0.52 -18.20 8.82
CA GLU A 208 0.82 -19.54 8.38
C GLU A 208 -0.36 -20.18 7.68
N THR A 209 -0.09 -20.72 6.51
CA THR A 209 -1.10 -21.43 5.73
C THR A 209 -1.26 -22.82 6.32
N PHE A 210 -2.37 -23.47 5.99
CA PHE A 210 -2.61 -24.84 6.47
C PHE A 210 -1.53 -25.78 5.94
N HIS A 211 -1.04 -25.52 4.73
CA HIS A 211 0.02 -26.34 4.13
C HIS A 211 1.30 -26.25 4.96
N ALA A 212 1.71 -25.04 5.33
CA ALA A 212 2.93 -24.86 6.13
C ALA A 212 2.80 -25.51 7.50
N VAL A 213 1.67 -25.30 8.17
CA VAL A 213 1.43 -25.83 9.50
C VAL A 213 1.33 -27.36 9.42
N GLY A 214 0.68 -27.85 8.36
CA GLY A 214 0.56 -29.28 8.10
C GLY A 214 1.93 -29.94 7.98
N LEU A 215 2.78 -29.39 7.13
CA LEU A 215 4.16 -29.91 6.99
C LEU A 215 4.98 -29.84 8.27
N GLU A 216 4.86 -28.73 9.00
CA GLU A 216 5.65 -28.49 10.21
C GLU A 216 5.22 -29.34 11.40
N LYS A 217 3.93 -29.34 11.70
CA LYS A 217 3.40 -29.93 12.92
C LYS A 217 2.67 -31.26 12.74
N TYR A 218 2.14 -31.52 11.56
CA TYR A 218 1.18 -32.60 11.35
C TYR A 218 1.53 -33.36 10.07
N ALA A 219 2.82 -33.59 9.88
CA ALA A 219 3.36 -34.02 8.58
C ALA A 219 2.68 -35.24 7.97
N ASP A 220 2.32 -36.22 8.80
CA ASP A 220 1.71 -37.47 8.31
C ASP A 220 0.20 -37.56 8.52
N GLU A 221 -0.44 -36.44 8.89
CA GLU A 221 -1.85 -36.46 9.24
C GLU A 221 -2.75 -35.78 8.23
N CYS A 222 -2.26 -35.51 7.01
CA CYS A 222 -3.14 -34.87 6.03
C CYS A 222 -4.41 -35.71 5.85
N PRO A 223 -5.60 -35.09 6.03
CA PRO A 223 -6.86 -35.84 5.90
C PRO A 223 -7.37 -36.04 4.46
N LEU A 224 -6.71 -35.43 3.47
CA LEU A 224 -7.07 -35.54 2.06
C LEU A 224 -6.10 -36.45 1.34
N VAL A 225 -6.63 -37.23 0.40
CA VAL A 225 -5.86 -38.05 -0.53
C VAL A 225 -5.70 -37.30 -1.84
N ASP A 226 -4.46 -37.19 -2.33
CA ASP A 226 -4.18 -36.52 -3.59
C ASP A 226 -4.77 -37.34 -4.74
N PRO A 227 -5.58 -36.71 -5.62
CA PRO A 227 -6.22 -37.48 -6.70
C PRO A 227 -5.28 -37.95 -7.80
N VAL A 228 -4.09 -37.38 -7.91
CA VAL A 228 -3.11 -37.84 -8.90
C VAL A 228 -2.28 -39.00 -8.34
N THR A 229 -1.73 -38.82 -7.14
CA THR A 229 -0.77 -39.77 -6.60
C THR A 229 -1.36 -40.81 -5.67
N GLY A 230 -2.53 -40.52 -5.10
CA GLY A 230 -3.15 -41.37 -4.09
C GLY A 230 -2.51 -41.33 -2.71
N LEU A 231 -1.59 -40.38 -2.49
CA LEU A 231 -0.88 -40.23 -1.20
C LEU A 231 -1.53 -39.11 -0.37
N ARG A 232 -1.40 -39.19 0.96
CA ARG A 232 -1.88 -38.14 1.86
C ARG A 232 -0.85 -37.03 1.99
N THR A 233 -0.58 -36.34 0.89
CA THR A 233 0.39 -35.25 0.87
C THR A 233 -0.40 -33.96 1.08
N TRP A 234 0.08 -33.07 1.93
CA TRP A 234 -0.61 -31.80 2.14
C TRP A 234 -0.59 -30.99 0.85
N PRO A 235 -1.77 -30.62 0.33
CA PRO A 235 -1.78 -29.76 -0.86
C PRO A 235 -1.35 -28.33 -0.49
N THR A 236 -0.84 -27.57 -1.46
CA THR A 236 -0.35 -26.24 -1.19
C THR A 236 -1.43 -25.19 -0.96
N GLU A 237 -2.61 -25.40 -1.55
CA GLU A 237 -3.81 -24.60 -1.31
C GLU A 237 -4.98 -25.54 -1.20
N VAL A 238 -6.12 -25.04 -0.74
CA VAL A 238 -7.31 -25.89 -0.69
C VAL A 238 -7.69 -26.25 -2.13
N PRO A 239 -7.99 -27.53 -2.41
CA PRO A 239 -8.40 -27.87 -3.78
C PRO A 239 -9.59 -27.06 -4.30
N SER A 240 -9.51 -26.67 -5.55
CA SER A 240 -10.67 -26.22 -6.28
C SER A 240 -11.37 -27.42 -6.92
N ARG A 241 -12.59 -27.19 -7.37
CA ARG A 241 -13.45 -28.26 -7.88
C ARG A 241 -12.86 -28.84 -9.18
N PRO A 242 -13.00 -30.15 -9.38
CA PRO A 242 -12.46 -30.73 -10.60
C PRO A 242 -13.27 -30.44 -11.85
N GLY A 243 -12.60 -30.46 -13.00
CA GLY A 243 -13.26 -30.40 -14.29
C GLY A 243 -13.38 -31.78 -14.93
N PRO A 244 -13.70 -31.84 -16.23
CA PRO A 244 -13.79 -33.12 -16.94
C PRO A 244 -12.58 -34.05 -16.81
N SER A 245 -11.39 -33.46 -16.71
CA SER A 245 -10.13 -34.18 -16.47
C SER A 245 -10.08 -34.94 -15.15
N GLY A 246 -10.97 -34.60 -14.19
CA GLY A 246 -10.86 -35.06 -12.81
C GLY A 246 -9.91 -34.23 -11.95
N LEU A 247 -9.31 -33.21 -12.54
CA LEU A 247 -8.36 -32.36 -11.85
C LEU A 247 -8.83 -30.91 -11.92
N SER A 248 -8.20 -30.04 -11.14
CA SER A 248 -8.71 -28.67 -11.03
C SER A 248 -8.43 -27.80 -12.26
N TRP A 249 -7.42 -28.11 -13.09
CA TRP A 249 -7.03 -27.21 -14.18
C TRP A 249 -8.18 -26.84 -15.12
N ASP A 250 -9.06 -27.79 -15.40
CA ASP A 250 -10.24 -27.51 -16.25
C ASP A 250 -11.54 -27.42 -15.48
N GLY A 251 -11.44 -27.28 -14.15
CA GLY A 251 -12.59 -27.05 -13.31
C GLY A 251 -13.08 -25.62 -13.35
N PRO A 252 -14.18 -25.35 -12.63
CA PRO A 252 -14.78 -24.00 -12.68
C PRO A 252 -13.97 -22.90 -11.97
N GLY A 253 -13.05 -23.26 -11.07
CA GLY A 253 -12.25 -22.29 -10.32
C GLY A 253 -12.81 -22.00 -8.94
N GLU A 254 -13.88 -22.70 -8.57
CA GLU A 254 -14.53 -22.54 -7.26
C GLU A 254 -13.88 -23.47 -6.25
N ILE A 255 -13.76 -23.02 -5.01
CA ILE A 255 -13.23 -23.85 -3.92
C ILE A 255 -14.09 -25.11 -3.74
N ASP A 256 -13.43 -26.23 -3.46
CA ASP A 256 -14.11 -27.50 -3.17
C ASP A 256 -14.50 -27.42 -1.69
N VAL A 257 -15.79 -27.25 -1.45
CA VAL A 257 -16.33 -26.97 -0.12
C VAL A 257 -16.10 -28.16 0.81
N ASP A 258 -16.28 -29.38 0.28
N ASP A 258 -16.25 -29.38 0.29
CA ASP A 258 -15.98 -30.61 1.02
CA ASP A 258 -15.99 -30.53 1.13
C ASP A 258 -14.54 -30.61 1.53
C ASP A 258 -14.52 -30.65 1.55
N ALA A 259 -13.60 -30.40 0.62
CA ALA A 259 -12.17 -30.37 0.95
C ALA A 259 -11.83 -29.29 1.98
N LEU A 260 -12.40 -28.12 1.79
CA LEU A 260 -12.23 -27.02 2.76
C LEU A 260 -12.71 -27.45 4.17
N ALA A 261 -13.91 -28.03 4.22
CA ALA A 261 -14.50 -28.46 5.49
C ALA A 261 -13.63 -29.50 6.20
N VAL A 262 -13.12 -30.46 5.43
CA VAL A 262 -12.22 -31.49 5.98
C VAL A 262 -10.98 -30.87 6.58
N LEU A 263 -10.35 -29.98 5.81
CA LEU A 263 -9.14 -29.29 6.27
C LEU A 263 -9.38 -28.38 7.46
N VAL A 264 -10.45 -27.59 7.42
CA VAL A 264 -10.78 -26.68 8.53
C VAL A 264 -11.08 -27.49 9.82
N GLU A 265 -11.89 -28.56 9.71
CA GLU A 265 -12.14 -29.43 10.87
C GLU A 265 -10.84 -29.93 11.48
N PHE A 266 -9.91 -30.36 10.63
CA PHE A 266 -8.65 -30.89 11.12
C PHE A 266 -7.93 -29.90 12.06
N PHE A 267 -7.78 -28.67 11.62
CA PHE A 267 -7.06 -27.65 12.40
C PHE A 267 -7.90 -27.11 13.53
N ALA A 268 -9.20 -26.98 13.33
CA ALA A 268 -10.09 -26.50 14.39
C ALA A 268 -10.09 -27.47 15.58
N ALA A 269 -10.08 -28.77 15.30
CA ALA A 269 -10.05 -29.78 16.38
C ALA A 269 -8.76 -29.73 17.18
N LYS A 270 -7.67 -29.31 16.55
CA LYS A 270 -6.38 -29.09 17.24
C LYS A 270 -6.34 -27.81 18.10
N GLY A 271 -7.36 -26.94 18.02
CA GLY A 271 -7.38 -25.70 18.81
C GLY A 271 -6.99 -24.45 18.04
N HIS A 272 -6.67 -24.56 16.75
CA HIS A 272 -6.22 -23.37 15.99
C HIS A 272 -7.44 -22.51 15.64
N PRO A 273 -7.30 -21.18 15.74
CA PRO A 273 -8.26 -20.31 15.08
C PRO A 273 -8.00 -20.32 13.57
N VAL A 274 -8.99 -19.87 12.81
CA VAL A 274 -9.07 -20.14 11.37
C VAL A 274 -9.37 -18.86 10.58
N PHE A 275 -8.56 -18.63 9.56
CA PHE A 275 -8.81 -17.57 8.58
C PHE A 275 -9.11 -18.25 7.24
N VAL A 276 -10.22 -17.86 6.64
CA VAL A 276 -10.61 -18.40 5.33
C VAL A 276 -10.81 -17.22 4.36
N ASN A 277 -10.10 -17.26 3.23
CA ASN A 277 -10.37 -16.31 2.15
C ASN A 277 -11.17 -17.01 1.07
N LEU A 278 -12.24 -16.35 0.60
CA LEU A 278 -13.12 -16.86 -0.44
C LEU A 278 -13.10 -15.86 -1.59
N ASN A 279 -12.95 -16.39 -2.79
CA ASN A 279 -12.83 -15.59 -4.01
C ASN A 279 -14.16 -15.29 -4.64
N LEU A 280 -14.48 -14.01 -4.79
CA LEU A 280 -15.74 -13.61 -5.43
C LEU A 280 -15.41 -12.93 -6.75
N GLY A 281 -15.19 -13.77 -7.77
CA GLY A 281 -14.69 -13.31 -9.08
C GLY A 281 -13.20 -13.56 -9.15
N SER A 282 -12.81 -14.82 -9.27
CA SER A 282 -11.42 -15.21 -9.22
C SER A 282 -10.64 -14.64 -10.43
N THR A 283 -9.32 -14.54 -10.27
CA THR A 283 -8.52 -13.80 -11.29
C THR A 283 -8.58 -14.40 -12.67
N PHE A 284 -8.30 -15.68 -12.82
CA PHE A 284 -8.25 -16.21 -14.18
C PHE A 284 -9.59 -16.70 -14.69
N LYS A 285 -10.37 -17.38 -13.85
CA LYS A 285 -11.63 -17.95 -14.30
C LYS A 285 -12.89 -17.17 -13.93
N GLY A 286 -12.75 -16.10 -13.16
CA GLY A 286 -13.87 -15.31 -12.74
C GLY A 286 -14.89 -16.06 -11.91
N ALA A 287 -14.45 -17.11 -11.24
CA ALA A 287 -15.32 -17.98 -10.45
C ALA A 287 -15.74 -17.28 -9.18
N HIS A 288 -16.88 -17.70 -8.67
CA HIS A 288 -17.41 -17.26 -7.39
C HIS A 288 -17.47 -18.45 -6.42
N ASP A 289 -16.59 -18.43 -5.43
CA ASP A 289 -16.67 -19.41 -4.34
C ASP A 289 -18.05 -19.30 -3.75
N ASP A 290 -18.63 -20.43 -3.36
CA ASP A 290 -19.99 -20.44 -2.86
C ASP A 290 -19.94 -20.08 -1.39
N VAL A 291 -19.94 -18.78 -1.12
CA VAL A 291 -19.68 -18.28 0.22
C VAL A 291 -20.76 -18.79 1.19
N ARG A 292 -22.03 -18.74 0.79
CA ARG A 292 -23.12 -19.25 1.62
C ARG A 292 -22.90 -20.74 1.95
N ALA A 293 -22.58 -21.56 0.95
CA ALA A 293 -22.34 -22.99 1.20
C ALA A 293 -21.19 -23.21 2.15
N VAL A 294 -20.11 -22.46 1.96
CA VAL A 294 -18.96 -22.56 2.84
C VAL A 294 -19.37 -22.24 4.28
N CYS A 295 -20.10 -21.13 4.43
CA CYS A 295 -20.49 -20.68 5.77
C CYS A 295 -21.42 -21.69 6.45
N GLU A 296 -22.38 -22.22 5.70
CA GLU A 296 -23.26 -23.29 6.21
C GLU A 296 -22.48 -24.53 6.63
N ARG A 297 -21.47 -24.90 5.84
N ARG A 297 -21.46 -24.90 5.87
CA ARG A 297 -20.65 -26.06 6.16
CA ARG A 297 -20.67 -26.08 6.18
C ARG A 297 -19.80 -25.82 7.39
C ARG A 297 -19.68 -25.88 7.32
N LEU A 298 -19.17 -24.65 7.47
CA LEU A 298 -18.19 -24.38 8.53
C LEU A 298 -18.79 -24.03 9.87
N LEU A 299 -19.96 -23.42 9.90
CA LEU A 299 -20.51 -23.00 11.21
C LEU A 299 -20.60 -24.17 12.22
N PRO A 300 -21.14 -25.34 11.82
CA PRO A 300 -21.16 -26.43 12.82
C PRO A 300 -19.80 -26.88 13.33
N ILE A 301 -18.80 -26.84 12.46
CA ILE A 301 -17.42 -27.12 12.83
C ILE A 301 -16.93 -26.08 13.86
N PHE A 302 -17.21 -24.80 13.60
CA PHE A 302 -16.83 -23.73 14.53
C PHE A 302 -17.54 -23.93 15.89
N GLU A 303 -18.82 -24.28 15.87
CA GLU A 303 -19.55 -24.49 17.12
C GLU A 303 -18.98 -25.67 17.91
N ARG A 304 -18.70 -26.76 17.22
CA ARG A 304 -18.16 -27.99 17.84
C ARG A 304 -16.83 -27.76 18.56
N HIS A 305 -15.99 -26.88 18.00
CA HIS A 305 -14.66 -26.66 18.51
C HIS A 305 -14.47 -25.34 19.20
N GLY A 306 -15.58 -24.71 19.56
CA GLY A 306 -15.57 -23.55 20.43
C GLY A 306 -14.98 -22.31 19.80
N LEU A 307 -15.24 -22.14 18.51
CA LEU A 307 -14.68 -21.00 17.77
C LEU A 307 -15.64 -19.86 17.52
N VAL A 308 -16.89 -19.99 17.94
CA VAL A 308 -17.84 -18.88 17.78
C VAL A 308 -17.59 -17.84 18.87
N GLN A 309 -17.44 -18.33 20.10
CA GLN A 309 -17.15 -17.49 21.28
C GLN A 309 -15.97 -18.13 21.99
N ARG A 310 -14.87 -17.41 22.03
CA ARG A 310 -13.57 -18.00 22.40
C ARG A 310 -12.93 -16.97 23.33
N GLU A 311 -12.52 -17.40 24.53
CA GLU A 311 -11.84 -16.52 25.47
C GLU A 311 -10.42 -16.32 24.96
N VAL A 312 -10.00 -15.06 24.84
CA VAL A 312 -8.69 -14.76 24.26
C VAL A 312 -7.87 -13.97 25.27
N VAL A 313 -6.62 -14.40 25.46
CA VAL A 313 -5.68 -13.72 26.38
C VAL A 313 -4.83 -12.74 25.55
N TYR A 314 -4.86 -11.47 25.96
CA TYR A 314 -4.23 -10.37 25.22
C TYR A 314 -3.18 -9.64 26.08
N GLY A 315 -2.41 -10.42 26.83
CA GLY A 315 -1.41 -9.91 27.77
C GLY A 315 -1.89 -9.94 29.21
N SER A 316 -1.13 -9.27 30.09
CA SER A 316 -1.45 -9.16 31.52
C SER A 316 -1.56 -7.69 31.93
N CYS A 317 -2.05 -7.46 33.15
CA CYS A 317 -2.27 -6.09 33.66
C CYS A 317 -0.94 -5.38 33.97
N PRO A 318 -0.94 -4.02 34.03
CA PRO A 318 0.30 -3.31 34.40
C PRO A 318 0.82 -3.57 35.82
N GLN A 319 -0.07 -3.96 36.74
CA GLN A 319 0.31 -4.30 38.12
C GLN A 319 0.88 -5.73 38.21
N THR A 320 0.04 -6.71 37.89
CA THR A 320 0.32 -8.14 38.12
C THR A 320 0.49 -8.87 36.78
N GLY A 321 0.95 -10.11 36.83
CA GLY A 321 0.97 -11.00 35.66
C GLY A 321 -0.32 -11.81 35.52
N ARG A 322 -1.46 -11.12 35.52
CA ARG A 322 -2.78 -11.75 35.50
C ARG A 322 -3.32 -11.73 34.06
N PRO A 323 -3.39 -12.91 33.38
CA PRO A 323 -3.78 -12.90 31.95
C PRO A 323 -5.15 -12.25 31.67
N LEU A 324 -5.12 -11.04 31.12
CA LEU A 324 -6.35 -10.29 30.78
C LEU A 324 -7.04 -10.92 29.58
N VAL A 325 -8.37 -10.92 29.59
CA VAL A 325 -9.19 -11.69 28.63
C VAL A 325 -10.49 -10.96 28.22
N ASP A 326 -10.80 -11.00 26.91
CA ASP A 326 -12.12 -10.70 26.38
C ASP A 326 -12.57 -11.82 25.43
N VAL A 327 -13.81 -11.75 24.96
CA VAL A 327 -14.41 -12.81 24.14
C VAL A 327 -14.42 -12.38 22.68
N ARG A 328 -13.91 -13.26 21.83
CA ARG A 328 -13.80 -13.01 20.39
C ARG A 328 -14.27 -14.23 19.64
N ARG A 329 -14.58 -14.06 18.36
CA ARG A 329 -14.72 -15.25 17.55
C ARG A 329 -13.33 -15.74 17.18
N GLY A 330 -13.27 -17.03 16.91
CA GLY A 330 -12.04 -17.71 16.57
C GLY A 330 -11.91 -18.06 15.10
N PHE A 331 -12.77 -17.47 14.27
CA PHE A 331 -12.67 -17.61 12.83
C PHE A 331 -12.85 -16.25 12.22
N TRP A 332 -12.33 -16.11 10.99
CA TRP A 332 -12.47 -14.88 10.21
C TRP A 332 -12.63 -15.29 8.76
N ILE A 333 -13.80 -15.00 8.20
CA ILE A 333 -14.05 -15.23 6.77
C ILE A 333 -13.93 -13.89 6.03
N HIS A 334 -13.02 -13.84 5.08
CA HIS A 334 -12.75 -12.68 4.22
C HIS A 334 -13.23 -13.03 2.82
N VAL A 335 -13.89 -12.07 2.18
CA VAL A 335 -14.26 -12.20 0.77
C VAL A 335 -13.37 -11.31 -0.09
N ASP A 336 -12.53 -11.92 -0.93
CA ASP A 336 -11.76 -11.19 -1.93
C ASP A 336 -12.66 -10.93 -3.13
N GLY A 337 -13.34 -9.78 -3.06
CA GLY A 337 -14.24 -9.34 -4.09
C GLY A 337 -13.60 -8.26 -4.94
N ALA A 338 -12.27 -8.31 -5.06
CA ALA A 338 -11.55 -7.35 -5.92
C ALA A 338 -12.36 -7.00 -7.18
N LEU A 339 -12.78 -8.04 -7.90
CA LEU A 339 -13.63 -7.88 -9.03
C LEU A 339 -15.10 -7.95 -8.61
N GLY A 340 -15.47 -9.11 -8.06
CA GLY A 340 -16.90 -9.44 -7.99
C GLY A 340 -17.77 -8.66 -7.02
N ALA A 341 -17.19 -8.03 -6.01
CA ALA A 341 -18.00 -7.23 -5.07
C ALA A 341 -18.59 -6.00 -5.74
N GLY A 342 -18.04 -5.63 -6.89
CA GLY A 342 -18.59 -4.52 -7.66
C GLY A 342 -19.82 -4.80 -8.47
N TYR A 343 -20.03 -6.07 -8.90
CA TYR A 343 -21.20 -6.43 -9.71
C TYR A 343 -22.14 -7.43 -9.05
N ALA A 344 -21.64 -8.27 -8.15
CA ALA A 344 -22.46 -9.35 -7.62
C ALA A 344 -23.72 -8.85 -6.93
N PRO A 345 -23.64 -7.74 -6.18
CA PRO A 345 -24.90 -7.24 -5.59
C PRO A 345 -25.98 -6.93 -6.60
N PHE A 346 -25.60 -6.38 -7.76
CA PHE A 346 -26.58 -6.01 -8.77
C PHE A 346 -27.17 -7.24 -9.47
N LEU A 347 -26.36 -8.24 -9.72
CA LEU A 347 -26.89 -9.46 -10.32
C LEU A 347 -27.89 -10.10 -9.34
N ARG A 348 -27.54 -10.13 -8.06
CA ARG A 348 -28.43 -10.70 -7.04
C ARG A 348 -29.73 -9.90 -6.86
N LEU A 349 -29.68 -8.61 -7.10
CA LEU A 349 -30.88 -7.75 -7.15
C LEU A 349 -31.85 -8.25 -8.23
N ALA A 350 -31.34 -8.50 -9.42
CA ALA A 350 -32.13 -9.01 -10.52
C ALA A 350 -32.65 -10.41 -10.19
N ALA A 351 -31.81 -11.24 -9.59
CA ALA A 351 -32.23 -12.61 -9.25
C ALA A 351 -33.42 -12.60 -8.30
N GLU A 352 -33.48 -11.62 -7.41
CA GLU A 352 -34.56 -11.50 -6.43
C GLU A 352 -35.86 -10.93 -7.02
N ASP A 353 -35.76 -10.12 -8.08
CA ASP A 353 -36.92 -9.52 -8.74
C ASP A 353 -36.72 -9.54 -10.25
N PRO A 354 -36.74 -10.74 -10.85
CA PRO A 354 -36.41 -10.85 -12.27
C PRO A 354 -37.42 -10.19 -13.22
N GLU A 355 -38.68 -10.14 -12.82
CA GLU A 355 -39.66 -9.49 -13.67
C GLU A 355 -39.56 -7.95 -13.52
N GLY A 356 -39.23 -7.47 -12.33
CA GLY A 356 -38.98 -6.05 -12.09
C GLY A 356 -37.80 -5.46 -12.86
N TYR A 357 -36.74 -6.25 -13.05
CA TYR A 357 -35.56 -5.82 -13.81
C TYR A 357 -35.56 -6.31 -15.25
N GLY A 358 -36.58 -7.08 -15.64
CA GLY A 358 -36.65 -7.66 -16.99
C GLY A 358 -35.55 -8.64 -17.36
N TRP A 359 -34.98 -9.33 -16.37
CA TRP A 359 -33.86 -10.22 -16.59
C TRP A 359 -33.79 -11.26 -15.50
N THR A 360 -33.71 -12.53 -15.89
CA THR A 360 -33.37 -13.60 -14.96
C THR A 360 -31.93 -14.00 -15.22
N PRO A 361 -31.01 -13.75 -14.27
CA PRO A 361 -29.65 -14.22 -14.51
C PRO A 361 -29.62 -15.75 -14.70
N GLU A 362 -28.88 -16.23 -15.70
CA GLU A 362 -28.83 -17.67 -15.94
C GLU A 362 -28.11 -18.43 -14.81
N ALA A 363 -27.15 -17.79 -14.15
CA ALA A 363 -26.38 -18.43 -13.08
C ALA A 363 -26.75 -17.83 -11.71
N GLU A 364 -26.71 -18.66 -10.68
CA GLU A 364 -26.93 -18.18 -9.33
C GLU A 364 -25.59 -17.71 -8.77
N LEU A 365 -25.55 -16.49 -8.22
CA LEU A 365 -24.37 -16.04 -7.49
C LEU A 365 -24.68 -16.14 -6.03
N PRO A 366 -23.72 -16.67 -5.25
CA PRO A 366 -23.91 -16.96 -3.84
C PRO A 366 -24.09 -15.71 -2.98
N GLU A 367 -24.96 -15.77 -1.99
CA GLU A 367 -24.95 -14.75 -0.93
C GLU A 367 -23.56 -14.75 -0.31
N PHE A 368 -22.98 -13.57 -0.13
CA PHE A 368 -21.58 -13.45 0.24
C PHE A 368 -21.24 -12.35 1.23
N ASP A 369 -22.21 -11.52 1.60
CA ASP A 369 -21.86 -10.21 2.19
C ASP A 369 -22.12 -10.14 3.69
N PHE A 370 -22.16 -8.95 4.24
CA PHE A 370 -22.31 -8.74 5.70
C PHE A 370 -23.71 -9.07 6.21
N GLY A 371 -24.65 -9.26 5.30
CA GLY A 371 -26.01 -9.63 5.66
C GLY A 371 -26.21 -11.11 5.85
N LEU A 372 -25.21 -11.91 5.48
CA LEU A 372 -25.30 -13.37 5.57
C LEU A 372 -25.25 -13.80 7.02
N ARG A 373 -26.40 -14.27 7.54
CA ARG A 373 -26.55 -14.66 8.93
C ARG A 373 -27.14 -16.06 8.96
N LEU A 374 -26.55 -16.92 9.78
CA LEU A 374 -26.99 -18.31 9.89
C LEU A 374 -27.45 -18.61 11.29
N PRO A 375 -28.41 -19.56 11.41
CA PRO A 375 -28.82 -19.98 12.74
C PRO A 375 -27.78 -20.83 13.45
N THR A 376 -27.63 -20.62 14.75
CA THR A 376 -26.74 -21.45 15.58
C THR A 376 -27.54 -22.66 16.03
N ALA A 377 -26.84 -23.61 16.65
CA ALA A 377 -27.45 -24.80 17.23
C ALA A 377 -28.55 -24.44 18.24
N GLY A 378 -28.32 -23.36 19.00
CA GLY A 378 -29.28 -22.84 19.98
C GLY A 378 -30.36 -21.88 19.45
N HIS A 379 -30.45 -21.75 18.12
CA HIS A 379 -31.48 -20.93 17.45
C HIS A 379 -31.28 -19.42 17.63
N GLY A 380 -30.04 -19.04 17.92
CA GLY A 380 -29.53 -17.67 17.73
C GLY A 380 -29.13 -17.48 16.28
N GLU A 381 -28.41 -16.39 16.01
CA GLU A 381 -27.93 -16.03 14.67
C GLU A 381 -26.48 -15.63 14.75
N VAL A 382 -25.71 -15.94 13.71
CA VAL A 382 -24.32 -15.52 13.61
C VAL A 382 -24.10 -14.87 12.25
N ASP A 383 -23.55 -13.67 12.26
CA ASP A 383 -23.16 -12.94 11.05
C ASP A 383 -21.82 -13.52 10.60
N MET A 384 -21.77 -14.14 9.42
CA MET A 384 -20.64 -15.01 9.12
C MET A 384 -19.39 -14.36 8.52
N VAL A 385 -19.56 -13.26 7.78
CA VAL A 385 -18.44 -12.66 7.04
C VAL A 385 -17.82 -11.54 7.87
N SER A 386 -16.51 -11.51 7.98
CA SER A 386 -15.80 -10.48 8.75
C SER A 386 -15.30 -9.32 7.89
N SER A 387 -14.97 -9.58 6.63
CA SER A 387 -14.38 -8.51 5.80
C SER A 387 -14.56 -8.76 4.32
N ILE A 388 -14.52 -7.67 3.56
CA ILE A 388 -14.60 -7.70 2.09
C ILE A 388 -13.60 -6.70 1.54
N ALA A 389 -12.94 -7.07 0.45
CA ALA A 389 -12.15 -6.13 -0.37
C ALA A 389 -12.75 -6.03 -1.76
N MET A 390 -12.59 -4.85 -2.38
CA MET A 390 -12.99 -4.62 -3.76
C MET A 390 -12.01 -3.64 -4.40
N SER A 391 -11.74 -3.82 -5.68
CA SER A 391 -10.94 -2.87 -6.47
C SER A 391 -11.86 -1.95 -7.25
N GLY A 392 -11.63 -0.64 -7.15
CA GLY A 392 -12.40 0.33 -7.93
C GLY A 392 -12.03 0.38 -9.39
N HIS A 393 -10.79 0.09 -9.71
CA HIS A 393 -10.28 0.07 -11.09
C HIS A 393 -10.64 -1.20 -11.86
N LYS A 394 -11.32 -2.15 -11.22
CA LYS A 394 -11.82 -3.33 -11.92
C LYS A 394 -13.23 -3.04 -12.48
N TRP A 395 -14.29 -3.36 -11.76
CA TRP A 395 -15.61 -3.24 -12.38
C TRP A 395 -16.02 -1.79 -12.67
N ALA A 396 -15.85 -0.88 -11.71
CA ALA A 396 -16.24 0.51 -11.96
C ALA A 396 -15.34 1.18 -12.99
N GLY A 397 -14.04 1.00 -12.86
CA GLY A 397 -13.05 1.71 -13.68
C GLY A 397 -12.46 2.89 -12.92
N ALA A 398 -11.15 3.06 -12.98
CA ALA A 398 -10.48 4.24 -12.45
C ALA A 398 -9.20 4.45 -13.23
N PRO A 399 -8.61 5.66 -13.15
CA PRO A 399 -7.34 5.85 -13.87
C PRO A 399 -6.11 5.36 -13.14
N TRP A 400 -6.30 4.84 -11.92
CA TRP A 400 -5.22 4.27 -11.10
C TRP A 400 -5.86 3.30 -10.11
N PRO A 401 -5.05 2.45 -9.48
CA PRO A 401 -5.57 1.49 -8.55
C PRO A 401 -6.17 2.14 -7.31
N CYS A 402 -7.32 1.61 -6.90
CA CYS A 402 -8.05 2.07 -5.74
C CYS A 402 -9.01 0.96 -5.31
N GLY A 403 -9.75 1.20 -4.24
CA GLY A 403 -10.72 0.22 -3.83
C GLY A 403 -11.18 0.47 -2.42
N ILE A 404 -11.74 -0.60 -1.83
CA ILE A 404 -12.34 -0.53 -0.49
C ILE A 404 -11.92 -1.74 0.32
N TYR A 405 -11.61 -1.50 1.60
CA TYR A 405 -11.61 -2.55 2.63
C TYR A 405 -12.75 -2.25 3.58
N MET A 406 -13.55 -3.26 3.90
CA MET A 406 -14.63 -3.06 4.87
C MET A 406 -14.68 -4.23 5.85
N THR A 407 -14.95 -3.90 7.11
CA THR A 407 -15.11 -4.89 8.18
C THR A 407 -16.19 -4.32 9.11
N LYS A 408 -16.15 -4.74 10.39
CA LYS A 408 -17.04 -4.21 11.43
C LYS A 408 -16.21 -3.67 12.58
N VAL A 409 -16.79 -2.73 13.31
CA VAL A 409 -16.13 -2.07 14.44
C VAL A 409 -15.61 -3.09 15.47
N LYS A 410 -16.37 -4.16 15.69
CA LYS A 410 -15.99 -5.17 16.67
C LYS A 410 -14.66 -5.86 16.36
N TYR A 411 -14.16 -5.80 15.11
CA TYR A 411 -12.91 -6.42 14.73
C TYR A 411 -11.73 -5.48 14.72
N GLN A 412 -11.96 -4.18 14.94
CA GLN A 412 -10.87 -3.22 14.78
C GLN A 412 -9.80 -3.42 15.84
N ILE A 413 -8.54 -3.39 15.38
CA ILE A 413 -7.37 -3.57 16.24
C ILE A 413 -6.92 -2.19 16.69
N SER A 414 -6.35 -2.15 17.88
CA SER A 414 -5.74 -0.93 18.40
C SER A 414 -4.68 -0.47 17.41
N PRO A 415 -4.66 0.84 17.03
CA PRO A 415 -3.63 1.34 16.09
C PRO A 415 -2.19 1.04 16.55
N PRO A 416 -1.25 0.86 15.59
CA PRO A 416 0.15 0.57 15.99
C PRO A 416 0.80 1.64 16.88
N SER A 417 0.40 2.90 16.68
CA SER A 417 0.79 4.02 17.54
C SER A 417 -0.25 5.15 17.46
N GLN A 418 -0.03 6.23 18.23
CA GLN A 418 -0.94 7.39 18.30
C GLN A 418 -0.25 8.72 17.92
N PRO A 419 -0.09 8.98 16.61
CA PRO A 419 0.56 10.24 16.16
C PRO A 419 -0.35 11.48 16.29
N ASP A 420 0.14 12.50 17.01
CA ASP A 420 -0.55 13.81 17.10
C ASP A 420 -0.71 14.50 15.76
N TYR A 421 0.33 14.38 14.93
CA TYR A 421 0.54 15.26 13.78
C TYR A 421 -0.37 15.06 12.55
N ILE A 422 -1.19 14.01 12.57
CA ILE A 422 -2.24 13.88 11.57
C ILE A 422 -3.62 14.35 12.12
N GLY A 423 -3.82 14.25 13.43
CA GLY A 423 -5.07 14.68 14.09
C GLY A 423 -6.24 13.70 13.99
N ALA A 424 -5.93 12.48 13.56
CA ALA A 424 -6.91 11.44 13.24
C ALA A 424 -6.20 10.12 13.53
N PRO A 425 -6.95 9.07 13.96
CA PRO A 425 -6.23 7.82 14.29
C PRO A 425 -5.57 7.15 13.08
N ASP A 426 -4.41 6.52 13.31
CA ASP A 426 -3.73 5.74 12.27
C ASP A 426 -4.33 4.35 12.24
N THR A 427 -5.44 4.21 11.53
CA THR A 427 -6.20 2.98 11.53
C THR A 427 -6.09 2.25 10.19
N THR A 428 -5.25 2.73 9.28
CA THR A 428 -5.26 2.26 7.90
C THR A 428 -3.90 1.67 7.55
N PHE A 429 -3.82 0.94 6.43
CA PHE A 429 -2.52 0.40 5.97
C PHE A 429 -1.64 1.53 5.50
N ALA A 430 -2.15 2.32 4.55
CA ALA A 430 -1.45 3.53 4.05
C ALA A 430 -1.39 4.60 5.12
N GLY A 431 -0.44 5.53 4.93
CA GLY A 431 -0.22 6.72 5.79
C GLY A 431 -0.95 7.89 5.13
N SER A 432 -0.26 8.73 4.33
CA SER A 432 -1.02 9.54 3.33
C SER A 432 -1.94 8.63 2.57
N ARG A 433 -3.14 9.12 2.23
CA ARG A 433 -4.07 8.31 1.47
C ARG A 433 -4.62 9.08 0.29
N ASN A 434 -4.84 8.35 -0.79
CA ASN A 434 -5.40 8.91 -2.00
C ASN A 434 -6.79 9.46 -1.75
N GLY A 435 -6.96 10.77 -1.88
CA GLY A 435 -8.26 11.42 -1.77
C GLY A 435 -8.85 11.81 -3.12
N PHE A 436 -8.19 11.41 -4.21
CA PHE A 436 -8.75 11.60 -5.54
C PHE A 436 -9.64 10.38 -5.88
N SER A 437 -9.23 9.18 -5.47
CA SER A 437 -10.02 7.98 -5.74
C SER A 437 -11.48 8.08 -5.23
N PRO A 438 -11.70 8.67 -4.02
CA PRO A 438 -13.08 8.90 -3.61
C PRO A 438 -13.90 9.70 -4.63
N LEU A 439 -13.29 10.72 -5.24
CA LEU A 439 -13.97 11.49 -6.30
C LEU A 439 -14.26 10.63 -7.51
N ILE A 440 -13.27 9.82 -7.95
CA ILE A 440 -13.49 8.91 -9.08
C ILE A 440 -14.73 8.03 -8.83
N LEU A 441 -14.76 7.33 -7.69
CA LEU A 441 -15.87 6.41 -7.47
C LEU A 441 -17.17 7.12 -7.17
N TRP A 442 -17.13 8.25 -6.46
CA TRP A 442 -18.36 8.99 -6.21
C TRP A 442 -18.99 9.44 -7.55
N ASP A 443 -18.16 9.93 -8.44
CA ASP A 443 -18.64 10.40 -9.76
C ASP A 443 -19.28 9.24 -10.51
N HIS A 444 -18.64 8.07 -10.50
CA HIS A 444 -19.20 6.88 -11.14
C HIS A 444 -20.53 6.49 -10.53
N LEU A 445 -20.54 6.34 -9.21
CA LEU A 445 -21.74 5.83 -8.55
C LEU A 445 -22.93 6.80 -8.66
N SER A 446 -22.64 8.10 -8.67
CA SER A 446 -23.67 9.11 -8.80
C SER A 446 -24.34 9.10 -10.19
N ARG A 447 -23.64 8.57 -11.19
CA ARG A 447 -24.14 8.56 -12.57
C ARG A 447 -25.15 7.47 -12.84
N TYR A 448 -25.13 6.40 -12.05
CA TYR A 448 -25.89 5.19 -12.36
C TYR A 448 -26.87 4.86 -11.27
N SER A 449 -28.09 4.51 -11.64
CA SER A 449 -29.05 3.95 -10.71
C SER A 449 -28.74 2.47 -10.47
N TYR A 450 -29.36 1.90 -9.44
CA TYR A 450 -29.33 0.45 -9.29
C TYR A 450 -29.75 -0.24 -10.59
N ARG A 451 -30.81 0.26 -11.23
CA ARG A 451 -31.26 -0.34 -12.49
C ARG A 451 -30.18 -0.27 -13.57
N ASP A 452 -29.50 0.88 -13.70
CA ASP A 452 -28.40 0.99 -14.67
C ASP A 452 -27.28 0.00 -14.36
N GLN A 453 -26.97 -0.18 -13.08
CA GLN A 453 -25.91 -1.12 -12.68
C GLN A 453 -26.32 -2.57 -12.98
N VAL A 454 -27.58 -2.91 -12.78
CA VAL A 454 -28.12 -4.21 -13.18
C VAL A 454 -27.95 -4.40 -14.69
N GLU A 455 -28.26 -3.40 -15.49
CA GLU A 455 -28.07 -3.49 -16.94
C GLU A 455 -26.62 -3.71 -17.32
N ARG A 456 -25.69 -3.07 -16.62
CA ARG A 456 -24.27 -3.26 -16.91
C ARG A 456 -23.83 -4.70 -16.75
N ILE A 457 -24.22 -5.33 -15.64
CA ILE A 457 -23.84 -6.71 -15.43
C ILE A 457 -24.64 -7.66 -16.32
N ARG A 458 -25.91 -7.34 -16.60
CA ARG A 458 -26.68 -8.13 -17.58
C ARG A 458 -25.96 -8.18 -18.92
N GLU A 459 -25.60 -7.02 -19.44
CA GLU A 459 -25.00 -6.97 -20.76
C GLU A 459 -23.70 -7.73 -20.80
N ALA A 460 -22.90 -7.63 -19.73
CA ALA A 460 -21.63 -8.32 -19.70
C ALA A 460 -21.83 -9.84 -19.62
N GLN A 461 -22.78 -10.30 -18.81
CA GLN A 461 -23.10 -11.72 -18.74
C GLN A 461 -23.53 -12.27 -20.09
N GLU A 462 -24.41 -11.53 -20.76
CA GLU A 462 -24.94 -11.95 -22.05
C GLU A 462 -23.83 -11.94 -23.12
N LEU A 463 -22.92 -10.97 -23.06
CA LEU A 463 -21.82 -10.91 -24.01
C LEU A 463 -20.76 -11.98 -23.76
N ALA A 464 -20.56 -12.35 -22.51
CA ALA A 464 -19.65 -13.47 -22.18
C ALA A 464 -20.20 -14.79 -22.74
N ALA A 465 -21.51 -14.99 -22.61
CA ALA A 465 -22.18 -16.15 -23.18
C ALA A 465 -22.08 -16.14 -24.72
N TYR A 466 -22.27 -14.97 -25.31
CA TYR A 466 -22.12 -14.79 -26.76
C TYR A 466 -20.72 -15.16 -27.23
N LEU A 467 -19.71 -14.66 -26.53
CA LEU A 467 -18.32 -14.95 -26.87
C LEU A 467 -18.05 -16.44 -26.83
N GLU A 468 -18.55 -17.12 -25.80
CA GLU A 468 -18.39 -18.57 -25.73
C GLU A 468 -19.09 -19.26 -26.89
N ARG A 469 -20.29 -18.82 -27.25
CA ARG A 469 -20.99 -19.40 -28.40
C ARG A 469 -20.20 -19.20 -29.68
N ARG A 470 -19.68 -17.98 -29.87
CA ARG A 470 -18.90 -17.69 -31.08
C ARG A 470 -17.60 -18.50 -31.18
N LEU A 471 -16.92 -18.72 -30.08
CA LEU A 471 -15.70 -19.49 -30.09
C LEU A 471 -15.95 -20.94 -30.45
N THR A 472 -17.03 -21.53 -29.94
CA THR A 472 -17.34 -22.92 -30.31
C THR A 472 -17.79 -23.02 -31.76
N ALA A 473 -18.55 -22.05 -32.24
CA ALA A 473 -18.91 -21.96 -33.65
C ALA A 473 -17.65 -21.88 -34.53
N MET A 474 -16.66 -21.13 -34.06
CA MET A 474 -15.38 -20.98 -34.79
C MET A 474 -14.63 -22.31 -34.87
N GLU A 475 -14.61 -23.06 -33.78
CA GLU A 475 -14.05 -24.41 -33.79
C GLU A 475 -14.64 -25.26 -34.92
N ARG A 476 -15.97 -25.24 -35.05
CA ARG A 476 -16.67 -26.04 -36.07
C ARG A 476 -16.43 -25.53 -37.48
N GLU A 477 -16.42 -24.21 -37.66
CA GLU A 477 -16.18 -23.61 -38.97
C GLU A 477 -14.77 -23.86 -39.51
N LEU A 478 -13.75 -23.68 -38.66
CA LEU A 478 -12.35 -23.78 -39.07
C LEU A 478 -11.75 -25.15 -38.85
N GLY A 479 -12.43 -26.01 -38.08
CA GLY A 479 -11.91 -27.33 -37.71
C GLY A 479 -10.67 -27.28 -36.83
N VAL A 480 -10.68 -26.40 -35.83
CA VAL A 480 -9.56 -26.26 -34.91
C VAL A 480 -10.06 -26.38 -33.49
N GLU A 481 -9.17 -26.72 -32.58
CA GLU A 481 -9.56 -26.77 -31.17
C GLU A 481 -9.05 -25.51 -30.47
N LEU A 482 -9.99 -24.80 -29.86
CA LEU A 482 -9.72 -23.55 -29.15
C LEU A 482 -9.84 -23.73 -27.64
N TRP A 483 -10.27 -24.90 -27.18
CA TRP A 483 -10.47 -25.17 -25.75
C TRP A 483 -11.30 -24.10 -25.01
N PRO A 484 -12.36 -23.58 -25.62
CA PRO A 484 -13.08 -22.51 -24.89
C PRO A 484 -13.69 -23.01 -23.59
N ALA A 485 -13.66 -22.16 -22.57
CA ALA A 485 -14.27 -22.47 -21.27
C ALA A 485 -14.76 -21.23 -20.60
N ARG A 486 -15.93 -21.34 -19.98
CA ARG A 486 -16.53 -20.27 -19.21
C ARG A 486 -17.25 -20.88 -18.05
N THR A 487 -16.87 -20.50 -16.85
CA THR A 487 -17.61 -20.92 -15.66
C THR A 487 -18.97 -20.23 -15.66
N PRO A 488 -20.04 -20.99 -15.41
CA PRO A 488 -21.35 -20.37 -15.44
C PRO A 488 -21.40 -19.15 -14.53
N GLY A 489 -21.93 -18.03 -15.02
CA GLY A 489 -22.01 -16.81 -14.22
C GLY A 489 -20.77 -15.92 -14.20
N ALA A 490 -19.71 -16.37 -14.85
CA ALA A 490 -18.49 -15.58 -14.93
C ALA A 490 -18.57 -14.60 -16.10
N VAL A 491 -17.84 -13.51 -15.96
CA VAL A 491 -17.70 -12.51 -17.04
C VAL A 491 -16.38 -12.71 -17.81
N THR A 492 -15.75 -13.87 -17.68
CA THR A 492 -14.56 -14.17 -18.45
C THR A 492 -14.68 -15.51 -19.16
N VAL A 493 -14.06 -15.58 -20.34
CA VAL A 493 -13.98 -16.78 -21.14
C VAL A 493 -12.51 -17.04 -21.43
N ARG A 494 -12.09 -18.29 -21.27
N ARG A 494 -12.06 -18.27 -21.26
CA ARG A 494 -10.73 -18.73 -21.52
CA ARG A 494 -10.68 -18.62 -21.58
C ARG A 494 -10.70 -19.45 -22.85
C ARG A 494 -10.65 -19.51 -22.79
N PHE A 495 -9.54 -19.46 -23.51
CA PHE A 495 -9.34 -20.22 -24.73
C PHE A 495 -7.85 -20.29 -25.07
N ARG A 496 -7.53 -21.09 -26.09
CA ARG A 496 -6.15 -21.30 -26.52
C ARG A 496 -5.45 -19.99 -26.84
N LYS A 497 -4.23 -19.83 -26.35
CA LYS A 497 -3.42 -18.66 -26.66
C LYS A 497 -3.19 -18.51 -28.15
N PRO A 498 -3.62 -17.37 -28.73
CA PRO A 498 -3.36 -17.09 -30.14
C PRO A 498 -1.94 -16.49 -30.32
N SER A 499 -1.66 -15.97 -31.51
CA SER A 499 -0.33 -15.37 -31.76
C SER A 499 0.01 -14.26 -30.82
N ALA A 500 1.30 -14.07 -30.61
CA ALA A 500 1.81 -12.99 -29.76
C ALA A 500 1.32 -11.64 -30.23
N GLU A 501 1.25 -11.44 -31.53
CA GLU A 501 0.80 -10.17 -32.08
C GLU A 501 -0.63 -9.84 -31.63
N LEU A 502 -1.51 -10.82 -31.71
CA LEU A 502 -2.89 -10.63 -31.31
C LEU A 502 -2.97 -10.43 -29.81
N VAL A 503 -2.24 -11.23 -29.06
CA VAL A 503 -2.19 -11.13 -27.59
C VAL A 503 -1.81 -9.69 -27.21
N ALA A 504 -0.77 -9.17 -27.85
CA ALA A 504 -0.27 -7.84 -27.53
C ALA A 504 -1.24 -6.73 -27.99
N LYS A 505 -1.92 -6.91 -29.11
CA LYS A 505 -2.88 -5.91 -29.58
C LYS A 505 -4.05 -5.75 -28.61
N TRP A 506 -4.57 -6.89 -28.14
CA TRP A 506 -5.78 -6.90 -27.33
C TRP A 506 -5.51 -7.06 -25.84
N SER A 507 -4.25 -6.93 -25.41
CA SER A 507 -3.85 -7.11 -24.00
C SER A 507 -4.50 -8.33 -23.39
N LEU A 508 -4.35 -9.47 -24.04
CA LEU A 508 -4.85 -10.72 -23.52
C LEU A 508 -3.93 -11.18 -22.40
N SER A 509 -4.52 -11.54 -21.27
CA SER A 509 -3.78 -12.09 -20.15
C SER A 509 -3.61 -13.59 -20.38
N SER A 510 -2.45 -14.11 -20.01
CA SER A 510 -2.03 -15.48 -20.25
C SER A 510 -1.85 -16.25 -18.95
N GLN A 511 -2.20 -17.53 -18.99
CA GLN A 511 -1.94 -18.44 -17.91
C GLN A 511 -1.59 -19.79 -18.51
N ASP A 512 -0.51 -20.38 -18.00
CA ASP A 512 -0.17 -21.75 -18.36
C ASP A 512 -0.72 -22.66 -17.27
N VAL A 513 -1.16 -23.84 -17.68
CA VAL A 513 -1.60 -24.86 -16.75
C VAL A 513 -0.84 -26.12 -17.10
N LEU A 514 -0.59 -26.95 -16.09
CA LEU A 514 -0.14 -28.32 -16.32
C LEU A 514 -1.36 -29.19 -16.12
N MET A 515 -1.68 -29.94 -17.15
CA MET A 515 -2.89 -30.74 -17.14
C MET A 515 -2.76 -31.96 -16.24
N VAL A 516 -1.54 -32.37 -15.93
CA VAL A 516 -1.30 -33.27 -14.80
C VAL A 516 -0.20 -32.60 -13.96
N PRO A 517 -0.53 -32.19 -12.72
CA PRO A 517 0.41 -31.44 -11.88
C PRO A 517 1.80 -32.06 -11.81
N GLY A 518 2.83 -31.21 -11.95
CA GLY A 518 4.22 -31.64 -11.87
C GLY A 518 4.85 -32.21 -13.13
N ASP A 519 4.04 -32.44 -14.17
CA ASP A 519 4.51 -32.99 -15.44
C ASP A 519 4.56 -31.87 -16.46
N GLU A 520 5.77 -31.44 -16.79
CA GLU A 520 5.96 -30.29 -17.66
C GLU A 520 5.54 -30.55 -19.12
N THR A 521 5.41 -31.83 -19.49
CA THR A 521 4.95 -32.22 -20.83
C THR A 521 3.45 -32.02 -21.07
N THR A 522 2.69 -31.69 -20.03
CA THR A 522 1.25 -31.48 -20.12
C THR A 522 0.90 -29.99 -20.09
N ARG A 523 1.86 -29.11 -20.37
CA ARG A 523 1.61 -27.66 -20.32
C ARG A 523 0.67 -27.22 -21.43
N ARG A 524 -0.28 -26.36 -21.07
CA ARG A 524 -1.17 -25.70 -22.03
C ARG A 524 -1.17 -24.22 -21.75
N SER A 525 -1.14 -23.43 -22.83
CA SER A 525 -1.17 -21.97 -22.72
C SER A 525 -2.54 -21.46 -23.09
N TYR A 526 -3.17 -20.82 -22.11
CA TYR A 526 -4.47 -20.19 -22.28
C TYR A 526 -4.32 -18.68 -22.24
N VAL A 527 -5.32 -18.03 -22.81
CA VAL A 527 -5.57 -16.61 -22.55
C VAL A 527 -7.00 -16.47 -22.06
N HIS A 528 -7.33 -15.30 -21.56
CA HIS A 528 -8.74 -14.98 -21.33
C HIS A 528 -9.14 -13.61 -21.78
N VAL A 529 -10.45 -13.48 -21.95
CA VAL A 529 -11.12 -12.23 -22.22
C VAL A 529 -12.03 -11.92 -21.04
N PHE A 530 -11.93 -10.70 -20.52
CA PHE A 530 -12.87 -10.20 -19.49
C PHE A 530 -13.89 -9.26 -20.12
N VAL A 531 -15.16 -9.60 -19.99
CA VAL A 531 -16.21 -8.78 -20.54
C VAL A 531 -16.65 -7.77 -19.48
N MET A 532 -15.95 -6.64 -19.46
CA MET A 532 -16.27 -5.49 -18.63
C MET A 532 -17.29 -4.59 -19.31
N PRO A 533 -17.87 -3.63 -18.58
CA PRO A 533 -18.87 -2.78 -19.21
C PRO A 533 -18.44 -2.00 -20.45
N SER A 534 -17.14 -1.76 -20.60
CA SER A 534 -16.59 -1.09 -21.78
C SER A 534 -16.29 -2.04 -22.96
N VAL A 535 -16.54 -3.32 -22.77
CA VAL A 535 -16.43 -4.32 -23.83
C VAL A 535 -17.81 -4.52 -24.43
N ASP A 536 -18.01 -4.12 -25.68
CA ASP A 536 -19.29 -4.29 -26.33
C ASP A 536 -19.25 -5.33 -27.44
N ARG A 537 -20.41 -5.58 -28.05
CA ARG A 537 -20.48 -6.56 -29.09
C ARG A 537 -19.54 -6.26 -30.24
N ALA A 538 -19.49 -5.02 -30.69
CA ALA A 538 -18.59 -4.67 -31.81
C ALA A 538 -17.14 -5.02 -31.51
N LYS A 539 -16.70 -4.76 -30.29
CA LYS A 539 -15.32 -5.03 -29.90
C LYS A 539 -15.05 -6.54 -29.95
N LEU A 540 -15.96 -7.32 -29.39
CA LEU A 540 -15.82 -8.76 -29.41
C LEU A 540 -15.85 -9.32 -30.83
N ASP A 541 -16.73 -8.78 -31.68
CA ASP A 541 -16.79 -9.25 -33.07
C ASP A 541 -15.52 -8.93 -33.84
N ALA A 542 -14.90 -7.79 -33.53
CA ALA A 542 -13.64 -7.43 -34.18
C ALA A 542 -12.51 -8.37 -33.74
N LEU A 543 -12.45 -8.67 -32.43
CA LEU A 543 -11.52 -9.67 -31.93
C LEU A 543 -11.71 -11.04 -32.57
N LEU A 544 -12.96 -11.50 -32.63
CA LEU A 544 -13.30 -12.78 -33.21
C LEU A 544 -12.89 -12.86 -34.69
N ALA A 545 -13.08 -11.78 -35.42
CA ALA A 545 -12.66 -11.74 -36.84
C ALA A 545 -11.16 -11.94 -36.99
N GLU A 546 -10.38 -11.35 -36.09
CA GLU A 546 -8.93 -11.56 -36.11
C GLU A 546 -8.54 -12.95 -35.66
N LEU A 547 -9.21 -13.47 -34.63
CA LEU A 547 -8.92 -14.82 -34.15
C LEU A 547 -9.10 -15.87 -35.27
N ALA A 548 -10.11 -15.69 -36.09
CA ALA A 548 -10.43 -16.64 -37.17
C ALA A 548 -9.35 -16.69 -38.24
N GLU A 549 -8.56 -15.64 -38.36
CA GLU A 549 -7.43 -15.60 -39.30
C GLU A 549 -6.09 -15.66 -38.62
N ASP A 550 -6.06 -15.95 -37.33
CA ASP A 550 -4.83 -15.91 -36.56
C ASP A 550 -3.98 -17.15 -36.89
N PRO A 551 -2.67 -16.97 -37.12
CA PRO A 551 -1.85 -18.11 -37.54
C PRO A 551 -1.68 -19.21 -36.50
N VAL A 552 -1.64 -18.86 -35.21
CA VAL A 552 -1.56 -19.89 -34.16
C VAL A 552 -2.89 -20.65 -34.07
N ILE A 553 -4.02 -19.94 -34.17
CA ILE A 553 -5.33 -20.58 -34.13
C ILE A 553 -5.49 -21.52 -35.34
N LEU A 554 -5.18 -21.02 -36.53
CA LEU A 554 -5.32 -21.82 -37.76
C LEU A 554 -4.30 -22.95 -37.87
N GLY A 555 -3.13 -22.79 -37.26
CA GLY A 555 -2.08 -23.81 -37.29
C GLY A 555 -2.16 -24.79 -36.15
N ALA A 556 -3.29 -24.80 -35.44
CA ALA A 556 -3.46 -25.60 -34.24
C ALA A 556 -3.38 -27.07 -34.58
N PRO A 557 -2.41 -27.81 -33.99
CA PRO A 557 -2.52 -29.27 -34.08
C PRO A 557 -3.74 -29.76 -33.30
N ALA B 18 -10.50 33.85 15.95
CA ALA B 18 -11.35 34.96 15.39
C ALA B 18 -11.54 34.86 13.87
N VAL B 19 -10.52 34.38 13.15
CA VAL B 19 -10.59 34.21 11.68
C VAL B 19 -11.60 33.12 11.28
N ASP B 20 -11.94 33.12 10.00
CA ASP B 20 -12.88 32.15 9.44
C ASP B 20 -12.17 31.14 8.54
N PRO B 21 -12.12 29.85 8.93
CA PRO B 21 -11.60 28.83 8.00
C PRO B 21 -12.56 28.50 6.85
N GLY B 22 -13.82 28.92 6.96
CA GLY B 22 -14.83 28.68 5.94
C GLY B 22 -15.56 27.38 6.22
N PRO B 23 -16.71 27.14 5.54
CA PRO B 23 -17.52 25.94 5.79
C PRO B 23 -16.87 24.65 5.30
N GLU B 24 -17.11 23.55 6.03
CA GLU B 24 -16.74 22.22 5.58
C GLU B 24 -17.78 21.75 4.57
N LEU B 25 -17.48 20.65 3.89
CA LEU B 25 -18.47 20.03 3.02
C LEU B 25 -19.58 19.40 3.87
N ASP B 26 -20.81 19.45 3.33
CA ASP B 26 -22.02 18.93 3.96
C ASP B 26 -22.33 17.56 3.35
N GLY B 27 -22.30 16.53 4.18
CA GLY B 27 -22.48 15.14 3.74
C GLY B 27 -23.80 14.91 3.02
N GLY B 28 -24.83 15.69 3.35
CA GLY B 28 -26.09 15.64 2.63
C GLY B 28 -26.01 15.85 1.13
N ASP B 29 -25.08 16.70 0.69
CA ASP B 29 -24.86 16.98 -0.72
C ASP B 29 -24.23 15.81 -1.46
N PHE B 30 -23.60 14.90 -0.71
CA PHE B 30 -22.83 13.81 -1.30
C PHE B 30 -23.46 12.44 -1.14
N ALA B 31 -24.55 12.33 -0.39
CA ALA B 31 -25.21 11.02 -0.21
C ALA B 31 -25.61 10.48 -1.57
N LEU B 32 -25.30 9.21 -1.79
CA LEU B 32 -25.50 8.53 -3.08
C LEU B 32 -26.76 7.66 -3.01
N PRO B 33 -27.85 8.12 -3.60
CA PRO B 33 -29.10 7.34 -3.52
C PRO B 33 -29.14 6.18 -4.51
N GLU B 34 -30.07 5.27 -4.27
CA GLU B 34 -30.26 4.12 -5.16
C GLU B 34 -30.47 4.55 -6.61
N GLY B 35 -31.23 5.63 -6.82
CA GLY B 35 -31.54 6.12 -8.14
C GLY B 35 -30.49 6.94 -8.87
N GLY B 36 -29.35 7.19 -8.23
CA GLY B 36 -28.36 8.10 -8.79
C GLY B 36 -28.74 9.56 -8.57
N LEU B 37 -27.81 10.44 -8.95
CA LEU B 37 -28.01 11.88 -8.87
C LEU B 37 -28.11 12.44 -10.28
N ASP B 38 -28.97 13.44 -10.48
CA ASP B 38 -29.01 14.10 -11.79
C ASP B 38 -27.81 15.01 -12.00
N ASP B 39 -27.63 15.47 -13.22
CA ASP B 39 -26.47 16.25 -13.61
C ASP B 39 -26.33 17.53 -12.77
N ASP B 40 -27.43 18.16 -12.39
CA ASP B 40 -27.37 19.42 -11.62
C ASP B 40 -26.88 19.19 -10.20
N ARG B 41 -27.41 18.16 -9.53
CA ARG B 41 -26.96 17.83 -8.19
C ARG B 41 -25.50 17.38 -8.22
N ARG B 42 -25.11 16.61 -9.24
CA ARG B 42 -23.71 16.20 -9.35
C ARG B 42 -22.77 17.38 -9.52
N LEU B 43 -23.10 18.30 -10.41
CA LEU B 43 -22.24 19.45 -10.63
C LEU B 43 -22.19 20.36 -9.39
N ARG B 44 -23.32 20.54 -8.70
CA ARG B 44 -23.35 21.35 -7.51
C ARG B 44 -22.42 20.78 -6.43
N ALA B 45 -22.45 19.46 -6.28
CA ALA B 45 -21.58 18.77 -5.35
C ALA B 45 -20.12 18.91 -5.72
N LEU B 46 -19.79 18.68 -6.98
CA LEU B 46 -18.39 18.79 -7.41
C LEU B 46 -17.91 20.23 -7.26
N ASP B 47 -18.78 21.19 -7.56
CA ASP B 47 -18.44 22.60 -7.32
C ASP B 47 -18.18 22.88 -5.83
N ALA B 48 -19.01 22.34 -4.94
CA ALA B 48 -18.76 22.48 -3.50
C ALA B 48 -17.39 21.91 -3.11
N VAL B 49 -17.02 20.76 -3.65
CA VAL B 49 -15.71 20.14 -3.36
C VAL B 49 -14.62 21.07 -3.82
N ASP B 50 -14.75 21.58 -5.05
CA ASP B 50 -13.70 22.43 -5.62
C ASP B 50 -13.55 23.72 -4.80
N GLU B 51 -14.66 24.32 -4.41
CA GLU B 51 -14.61 25.57 -3.67
C GLU B 51 -13.92 25.33 -2.31
N TYR B 52 -14.23 24.23 -1.66
CA TYR B 52 -13.58 23.83 -0.40
C TYR B 52 -12.10 23.57 -0.61
N LEU B 53 -11.76 22.67 -1.53
CA LEU B 53 -10.36 22.30 -1.77
C LEU B 53 -9.49 23.47 -2.19
N THR B 54 -10.05 24.33 -3.02
CA THR B 54 -9.34 25.49 -3.54
C THR B 54 -9.01 26.44 -2.41
N ARG B 55 -9.96 26.71 -1.52
CA ARG B 55 -9.70 27.57 -0.38
C ARG B 55 -8.63 26.97 0.52
N LYS B 56 -8.78 25.69 0.84
CA LYS B 56 -7.82 25.02 1.73
C LYS B 56 -6.44 24.91 1.10
N ARG B 57 -6.35 24.59 -0.17
CA ARG B 57 -5.00 24.38 -0.77
C ARG B 57 -4.22 25.68 -0.79
N LYS B 58 -4.90 26.79 -1.01
CA LYS B 58 -4.23 28.09 -1.07
C LYS B 58 -3.70 28.54 0.29
N HIS B 59 -4.27 28.03 1.38
CA HIS B 59 -3.83 28.39 2.74
C HIS B 59 -3.03 27.29 3.43
N LEU B 60 -2.86 26.13 2.82
CA LEU B 60 -2.14 25.06 3.50
C LEU B 60 -0.68 25.45 3.63
N VAL B 61 -0.21 25.48 4.87
CA VAL B 61 1.22 25.71 5.13
C VAL B 61 1.76 24.79 6.22
N GLY B 62 0.95 23.87 6.74
CA GLY B 62 1.38 23.06 7.89
C GLY B 62 1.82 21.66 7.64
N TYR B 63 1.85 21.22 6.37
CA TYR B 63 2.24 19.88 6.00
C TYR B 63 3.24 19.95 4.88
N ALA B 64 4.07 18.92 4.77
CA ALA B 64 5.12 18.86 3.76
C ALA B 64 4.52 18.39 2.45
N ALA B 65 3.79 19.29 1.79
CA ALA B 65 3.03 18.94 0.60
C ALA B 65 2.99 20.13 -0.32
N THR B 66 3.76 20.06 -1.39
CA THR B 66 3.76 21.12 -2.39
C THR B 66 2.39 21.18 -3.06
N GLN B 67 1.83 22.39 -3.10
CA GLN B 67 0.41 22.61 -3.47
C GLN B 67 0.23 23.17 -4.85
N ASP B 68 1.30 23.59 -5.53
CA ASP B 68 1.14 24.19 -6.85
C ASP B 68 1.53 23.25 -8.01
N MET B 69 0.53 22.92 -8.83
CA MET B 69 0.56 21.93 -9.91
C MET B 69 -0.42 22.26 -11.09
N GLN B 70 -0.43 23.53 -11.49
CA GLN B 70 -1.25 23.99 -12.62
C GLN B 70 -0.73 23.42 -13.96
N GLY B 71 0.60 23.43 -14.12
CA GLY B 71 1.27 22.85 -15.29
C GLY B 71 1.00 21.38 -15.48
N THR B 72 1.12 20.64 -14.36
N THR B 72 1.10 20.58 -14.41
CA THR B 72 0.78 19.22 -14.32
CA THR B 72 0.80 19.14 -14.53
C THR B 72 -0.61 18.98 -14.88
C THR B 72 -0.68 18.86 -14.84
N ALA B 73 -1.60 19.67 -14.30
CA ALA B 73 -3.01 19.51 -14.64
C ALA B 73 -3.25 19.77 -16.14
N LEU B 74 -2.72 20.88 -16.64
CA LEU B 74 -2.86 21.18 -18.04
C LEU B 74 -2.20 20.11 -18.92
N ASP B 75 -1.00 19.66 -18.55
CA ASP B 75 -0.28 18.67 -19.37
C ASP B 75 -0.91 17.28 -19.33
N LEU B 76 -1.51 16.91 -18.19
CA LEU B 76 -1.78 15.49 -17.96
C LEU B 76 -3.25 15.13 -17.76
N ALA B 77 -4.14 16.12 -17.73
CA ALA B 77 -5.58 15.82 -17.67
C ALA B 77 -6.02 14.86 -18.76
N ARG B 78 -5.38 14.98 -19.92
CA ARG B 78 -5.66 14.12 -21.07
C ARG B 78 -5.57 12.63 -20.79
N PHE B 79 -4.80 12.25 -19.77
CA PHE B 79 -4.63 10.83 -19.45
C PHE B 79 -5.71 10.24 -18.54
N MET B 80 -6.58 11.06 -17.99
N MET B 80 -6.56 11.12 -18.00
CA MET B 80 -7.60 10.50 -17.08
CA MET B 80 -7.66 10.71 -17.09
C MET B 80 -8.55 9.47 -17.67
C MET B 80 -8.60 9.62 -17.63
N PRO B 81 -8.87 9.55 -18.97
CA PRO B 81 -9.67 8.45 -19.54
C PRO B 81 -9.06 7.05 -19.59
N ASN B 82 -7.78 6.90 -19.25
CA ASN B 82 -7.10 5.62 -19.30
C ASN B 82 -7.03 4.90 -17.95
N ASN B 83 -7.34 3.63 -17.95
CA ASN B 83 -7.17 2.82 -16.76
C ASN B 83 -5.76 2.26 -16.88
N ILE B 84 -4.79 3.07 -16.43
CA ILE B 84 -3.37 2.73 -16.57
C ILE B 84 -3.00 1.77 -15.43
N ASN B 85 -2.19 0.77 -15.72
CA ASN B 85 -1.78 -0.15 -14.67
C ASN B 85 -0.38 -0.61 -14.94
N ASN B 86 0.53 -0.30 -14.02
CA ASN B 86 1.96 -0.71 -14.13
C ASN B 86 2.24 -1.98 -13.37
N LEU B 87 1.32 -2.91 -13.54
CA LEU B 87 1.32 -4.22 -12.95
C LEU B 87 2.63 -4.94 -13.21
N GLY B 88 3.28 -5.40 -12.15
CA GLY B 88 4.54 -6.09 -12.28
C GLY B 88 5.75 -5.17 -12.19
N ASP B 89 6.91 -5.79 -12.27
CA ASP B 89 8.20 -5.12 -12.19
C ASP B 89 8.31 -4.00 -13.25
N PRO B 90 8.91 -2.86 -12.89
CA PRO B 90 8.98 -1.77 -13.86
C PRO B 90 9.85 -2.05 -15.09
N PHE B 91 10.72 -3.06 -14.98
CA PHE B 91 11.70 -3.34 -16.04
C PHE B 91 11.27 -4.39 -17.09
N GLN B 92 9.99 -4.80 -17.05
CA GLN B 92 9.35 -5.70 -18.03
C GLN B 92 7.97 -5.14 -18.30
N SER B 93 7.53 -4.99 -19.57
CA SER B 93 6.16 -4.43 -19.82
C SER B 93 5.03 -5.24 -19.15
N GLY B 94 5.00 -6.55 -19.48
CA GLY B 94 3.95 -7.48 -19.06
C GLY B 94 2.77 -7.49 -20.03
N GLY B 95 1.70 -8.19 -19.69
CA GLY B 95 0.58 -8.32 -20.59
C GLY B 95 -0.42 -7.16 -20.59
N TYR B 96 -0.40 -6.35 -19.54
CA TYR B 96 -1.34 -5.22 -19.43
C TYR B 96 -0.71 -4.06 -20.20
N LYS B 97 -1.05 -3.92 -21.48
CA LYS B 97 -0.33 -2.97 -22.33
C LYS B 97 -0.58 -1.50 -22.05
N PRO B 98 -1.75 -1.10 -21.52
CA PRO B 98 -1.90 0.33 -21.14
C PRO B 98 -1.13 0.61 -19.84
N ASN B 99 0.21 0.72 -19.97
CA ASN B 99 1.09 0.99 -18.85
C ASN B 99 2.10 2.05 -19.26
N THR B 100 2.68 2.71 -18.26
CA THR B 100 3.66 3.77 -18.48
C THR B 100 5.02 3.37 -17.92
N LYS B 101 5.36 2.09 -18.01
CA LYS B 101 6.65 1.65 -17.45
C LYS B 101 7.86 2.33 -18.13
N VAL B 102 7.75 2.70 -19.40
CA VAL B 102 8.87 3.45 -20.03
C VAL B 102 9.07 4.80 -19.32
N VAL B 103 7.97 5.44 -18.92
CA VAL B 103 8.04 6.69 -18.17
C VAL B 103 8.55 6.47 -16.75
N GLU B 104 8.05 5.41 -16.12
CA GLU B 104 8.46 5.04 -14.76
C GLU B 104 9.98 4.83 -14.70
N ARG B 105 10.52 4.10 -15.67
CA ARG B 105 11.98 3.88 -15.72
C ARG B 105 12.75 5.18 -15.89
N ALA B 106 12.25 6.11 -16.68
CA ALA B 106 12.92 7.41 -16.84
C ALA B 106 12.98 8.16 -15.52
N VAL B 107 11.90 8.11 -14.74
CA VAL B 107 11.85 8.78 -13.45
C VAL B 107 12.82 8.08 -12.47
N LEU B 108 12.77 6.76 -12.43
CA LEU B 108 13.68 6.00 -11.57
C LEU B 108 15.13 6.28 -11.96
N ASP B 109 15.43 6.37 -13.26
CA ASP B 109 16.80 6.64 -13.72
C ASP B 109 17.27 8.01 -13.22
N TYR B 110 16.38 9.00 -13.24
CA TYR B 110 16.71 10.37 -12.84
C TYR B 110 17.08 10.37 -11.37
N TYR B 111 16.26 9.75 -10.52
CA TYR B 111 16.56 9.72 -9.10
C TYR B 111 17.77 8.81 -8.78
N ALA B 112 17.97 7.75 -9.56
CA ALA B 112 19.16 6.87 -9.41
C ALA B 112 20.42 7.72 -9.61
N LYS B 113 20.44 8.55 -10.65
CA LYS B 113 21.58 9.46 -10.86
C LYS B 113 21.71 10.46 -9.71
N LEU B 114 20.59 11.06 -9.31
CA LEU B 114 20.59 12.07 -8.27
C LEU B 114 21.11 11.52 -6.93
N TRP B 115 20.83 10.24 -6.67
CA TRP B 115 21.25 9.57 -5.44
C TRP B 115 22.52 8.71 -5.59
N HIS B 116 23.27 8.95 -6.66
CA HIS B 116 24.54 8.27 -6.92
C HIS B 116 24.49 6.74 -6.92
N ALA B 117 23.38 6.21 -7.43
CA ALA B 117 23.21 4.79 -7.64
C ALA B 117 23.87 4.45 -8.96
N GLU B 118 24.18 3.17 -9.16
CA GLU B 118 24.75 2.72 -10.43
C GLU B 118 23.63 2.46 -11.46
N ARG B 119 23.75 3.09 -12.62
CA ARG B 119 22.80 2.94 -13.72
C ARG B 119 23.54 2.35 -14.93
N PRO B 120 22.85 1.67 -15.85
CA PRO B 120 21.43 1.37 -15.80
C PRO B 120 21.14 0.24 -14.83
N HIS B 121 19.86 0.07 -14.48
CA HIS B 121 19.44 -1.16 -13.82
C HIS B 121 19.84 -2.33 -14.73
N ASP B 122 20.45 -3.34 -14.13
CA ASP B 122 20.87 -4.52 -14.87
C ASP B 122 20.78 -5.69 -13.91
N PRO B 123 19.88 -6.65 -14.18
CA PRO B 123 19.72 -7.77 -13.26
C PRO B 123 20.97 -8.65 -13.11
N ALA B 124 21.90 -8.56 -14.06
CA ALA B 124 23.19 -9.26 -14.00
C ALA B 124 24.30 -8.47 -13.31
N ASP B 125 24.03 -7.22 -12.93
CA ASP B 125 24.99 -6.38 -12.18
C ASP B 125 24.46 -6.18 -10.75
N PRO B 126 25.00 -6.94 -9.79
CA PRO B 126 24.52 -6.84 -8.40
C PRO B 126 24.58 -5.45 -7.79
N GLU B 127 25.50 -4.60 -8.25
CA GLU B 127 25.64 -3.25 -7.71
C GLU B 127 24.72 -2.24 -8.36
N SER B 128 24.03 -2.61 -9.43
CA SER B 128 23.17 -1.64 -10.11
C SER B 128 21.89 -1.47 -9.31
N TYR B 129 21.22 -0.32 -9.55
CA TYR B 129 20.02 -0.03 -8.80
C TYR B 129 18.89 -0.94 -9.22
N TRP B 130 17.97 -1.14 -8.29
CA TRP B 130 16.61 -1.60 -8.62
C TRP B 130 15.67 -0.76 -7.76
N GLY B 131 14.53 -0.42 -8.34
CA GLY B 131 13.52 0.24 -7.55
C GLY B 131 12.24 0.32 -8.33
N TYR B 132 11.23 0.93 -7.73
CA TYR B 132 9.93 1.02 -8.37
C TYR B 132 9.16 2.19 -7.80
N MET B 133 8.15 2.65 -8.55
CA MET B 133 7.28 3.71 -8.05
C MET B 133 6.11 3.19 -7.24
N LEU B 134 5.88 3.88 -6.14
CA LEU B 134 4.93 3.50 -5.13
C LEU B 134 3.53 3.92 -5.51
N SER B 135 2.55 3.12 -5.11
CA SER B 135 1.13 3.42 -5.31
C SER B 135 0.49 4.05 -4.06
N MET B 136 1.01 3.76 -2.86
CA MET B 136 0.75 4.59 -1.66
C MET B 136 1.89 5.66 -1.69
N GLY B 137 2.01 6.40 -0.60
CA GLY B 137 3.21 7.21 -0.33
C GLY B 137 4.36 6.41 0.23
N SER B 138 5.24 7.13 0.93
CA SER B 138 6.43 6.49 1.54
C SER B 138 6.08 5.41 2.54
N THR B 139 4.84 5.38 3.05
CA THR B 139 4.45 4.24 3.87
C THR B 139 4.72 2.93 3.12
N GLU B 140 4.40 2.86 1.83
CA GLU B 140 4.70 1.66 1.04
C GLU B 140 6.21 1.41 0.93
N GLY B 141 6.99 2.47 0.73
CA GLY B 141 8.43 2.34 0.58
C GLY B 141 9.13 1.90 1.86
N ASN B 142 8.69 2.46 2.99
CA ASN B 142 9.21 2.04 4.27
C ASN B 142 8.80 0.63 4.64
N MET B 143 7.55 0.24 4.35
CA MET B 143 7.12 -1.15 4.52
C MET B 143 7.94 -2.08 3.65
N TYR B 144 8.14 -1.74 2.38
CA TYR B 144 8.93 -2.57 1.50
C TYR B 144 10.39 -2.67 1.97
N ALA B 145 10.97 -1.55 2.38
CA ALA B 145 12.33 -1.53 2.92
C ALA B 145 12.47 -2.51 4.07
N LEU B 146 11.53 -2.46 5.01
N LEU B 146 11.53 -2.45 5.02
CA LEU B 146 11.62 -3.28 6.21
CA LEU B 146 11.56 -3.29 6.21
C LEU B 146 11.28 -4.75 5.92
C LEU B 146 11.37 -4.76 5.84
N TRP B 147 10.45 -5.01 4.91
CA TRP B 147 10.22 -6.37 4.39
C TRP B 147 11.49 -6.93 3.73
N ASN B 148 12.05 -6.15 2.81
CA ASN B 148 13.28 -6.48 2.09
C ASN B 148 14.42 -6.74 3.09
N ALA B 149 14.54 -5.89 4.10
CA ALA B 149 15.63 -6.00 5.09
C ALA B 149 15.40 -7.19 6.02
N ARG B 150 14.17 -7.36 6.49
CA ARG B 150 13.83 -8.50 7.33
C ARG B 150 14.23 -9.80 6.66
N ASP B 151 13.85 -9.96 5.40
CA ASP B 151 14.12 -11.20 4.67
C ASP B 151 15.59 -11.36 4.34
N TYR B 152 16.24 -10.27 3.95
CA TYR B 152 17.66 -10.29 3.62
C TYR B 152 18.48 -10.68 4.85
N LEU B 153 18.18 -10.06 5.98
CA LEU B 153 18.96 -10.25 7.20
C LEU B 153 18.58 -11.55 7.91
N SER B 154 17.40 -12.09 7.62
CA SER B 154 16.94 -13.36 8.23
C SER B 154 17.32 -14.59 7.42
N GLY B 155 17.78 -14.41 6.18
CA GLY B 155 18.22 -15.52 5.33
C GLY B 155 17.25 -16.12 4.32
N LYS B 156 16.21 -15.38 3.92
CA LYS B 156 15.34 -15.85 2.82
C LYS B 156 16.07 -15.73 1.48
N ALA B 157 15.65 -16.53 0.50
CA ALA B 157 16.38 -16.64 -0.77
C ALA B 157 16.31 -15.36 -1.66
N LEU B 158 17.44 -15.03 -2.28
CA LEU B 158 17.52 -13.86 -3.18
C LEU B 158 17.15 -14.24 -4.60
N ILE B 159 17.00 -13.24 -5.47
CA ILE B 159 16.82 -13.44 -6.92
C ILE B 159 18.11 -14.01 -7.57
N GLN B 160 19.29 -13.63 -7.06
CA GLN B 160 20.59 -14.12 -7.57
C GLN B 160 21.26 -15.09 -6.58
N PRO B 161 21.74 -16.25 -7.05
CA PRO B 161 22.60 -17.10 -6.20
C PRO B 161 23.96 -16.46 -5.90
N ARG B 179 24.98 -21.43 14.12
CA ARG B 179 25.32 -21.77 15.51
C ARG B 179 25.00 -20.65 16.48
N ASN B 180 25.31 -19.42 16.09
CA ASN B 180 24.96 -18.21 16.84
C ASN B 180 23.43 -18.13 16.84
N PRO B 181 22.79 -18.28 18.02
CA PRO B 181 21.32 -18.36 18.05
C PRO B 181 20.59 -17.11 17.56
N ASN B 182 21.27 -15.96 17.55
CA ASN B 182 20.67 -14.70 17.13
C ASN B 182 20.94 -14.30 15.67
N ALA B 183 21.57 -15.18 14.89
CA ALA B 183 22.04 -14.83 13.56
C ALA B 183 20.92 -14.45 12.57
N HIS B 184 19.73 -15.00 12.75
CA HIS B 184 18.59 -14.73 11.89
C HIS B 184 17.49 -13.98 12.61
N HIS B 185 17.87 -13.18 13.62
CA HIS B 185 16.93 -12.41 14.42
C HIS B 185 17.32 -10.93 14.30
N PRO B 186 16.91 -10.26 13.21
CA PRO B 186 17.29 -8.83 13.09
C PRO B 186 16.67 -7.93 14.14
N VAL B 187 17.38 -6.86 14.46
CA VAL B 187 16.94 -5.89 15.43
C VAL B 187 16.94 -4.51 14.76
N ALA B 188 15.84 -3.78 14.93
CA ALA B 188 15.62 -2.46 14.31
C ALA B 188 15.94 -1.31 15.24
N PHE B 189 16.58 -0.30 14.68
CA PHE B 189 17.00 0.90 15.37
C PHE B 189 16.57 2.14 14.59
N TYR B 190 15.98 3.09 15.28
CA TYR B 190 15.66 4.39 14.69
C TYR B 190 15.35 5.36 15.81
N SER B 191 15.45 6.65 15.50
CA SER B 191 15.29 7.70 16.51
C SER B 191 13.88 7.96 16.95
N GLU B 192 13.77 8.72 18.03
CA GLU B 192 12.46 9.14 18.53
C GLU B 192 11.71 10.11 17.61
N ASP B 193 12.39 10.65 16.60
CA ASP B 193 11.77 11.52 15.63
C ASP B 193 11.29 10.76 14.38
N THR B 194 11.38 9.43 14.41
CA THR B 194 10.95 8.61 13.27
C THR B 194 9.45 8.66 13.10
N HIS B 195 9.00 8.67 11.84
CA HIS B 195 7.57 8.75 11.51
C HIS B 195 6.82 7.50 11.97
N TYR B 196 5.56 7.70 12.39
CA TYR B 196 4.68 6.60 12.88
C TYR B 196 4.53 5.39 11.97
N SER B 197 4.67 5.59 10.66
CA SER B 197 4.79 4.47 9.70
C SER B 197 5.76 3.34 10.06
N PHE B 198 6.87 3.65 10.74
CA PHE B 198 7.77 2.57 11.17
C PHE B 198 7.22 1.70 12.27
N ALA B 199 6.58 2.29 13.28
CA ALA B 199 5.91 1.48 14.30
C ALA B 199 4.86 0.56 13.67
N LYS B 200 4.11 1.10 12.72
CA LYS B 200 3.16 0.32 11.95
C LYS B 200 3.86 -0.80 11.19
N ALA B 201 4.85 -0.42 10.39
CA ALA B 201 5.54 -1.36 9.54
C ALA B 201 6.22 -2.48 10.35
N VAL B 202 6.86 -2.10 11.46
CA VAL B 202 7.42 -3.06 12.44
C VAL B 202 6.39 -4.10 12.88
N ALA B 203 5.18 -3.65 13.22
CA ALA B 203 4.11 -4.55 13.67
C ALA B 203 3.57 -5.44 12.53
N VAL B 204 3.38 -4.85 11.35
CA VAL B 204 2.93 -5.61 10.18
C VAL B 204 3.90 -6.75 9.85
N LEU B 205 5.19 -6.42 9.86
CA LEU B 205 6.20 -7.33 9.39
C LEU B 205 6.80 -8.21 10.48
N GLY B 206 6.47 -7.96 11.73
CA GLY B 206 7.05 -8.71 12.85
C GLY B 206 8.57 -8.51 12.96
N VAL B 207 9.04 -7.30 12.70
CA VAL B 207 10.46 -6.97 12.89
C VAL B 207 10.57 -6.45 14.29
N GLU B 208 11.53 -6.95 15.06
CA GLU B 208 11.63 -6.57 16.45
C GLU B 208 12.51 -5.35 16.65
N THR B 209 12.02 -4.38 17.42
CA THR B 209 12.81 -3.20 17.74
C THR B 209 13.82 -3.56 18.81
N PHE B 210 14.88 -2.76 18.94
CA PHE B 210 15.87 -3.03 20.00
C PHE B 210 15.18 -2.94 21.37
N HIS B 211 14.16 -2.09 21.51
CA HIS B 211 13.41 -1.96 22.75
C HIS B 211 12.71 -3.27 23.10
N ALA B 212 12.06 -3.88 22.11
CA ALA B 212 11.31 -5.10 22.33
C ALA B 212 12.26 -6.24 22.71
N VAL B 213 13.37 -6.36 21.98
CA VAL B 213 14.35 -7.41 22.23
C VAL B 213 15.04 -7.15 23.57
N GLY B 214 15.32 -5.89 23.86
CA GLY B 214 15.94 -5.54 25.14
C GLY B 214 15.08 -5.99 26.31
N LEU B 215 13.80 -5.63 26.30
CA LEU B 215 12.89 -6.06 27.38
C LEU B 215 12.71 -7.57 27.48
N GLU B 216 12.62 -8.23 26.32
CA GLU B 216 12.38 -9.68 26.24
C GLU B 216 13.59 -10.49 26.71
N LYS B 217 14.75 -10.24 26.13
CA LYS B 217 15.93 -11.08 26.31
C LYS B 217 17.00 -10.50 27.22
N TYR B 218 17.05 -9.16 27.37
CA TYR B 218 18.19 -8.47 27.99
C TYR B 218 17.71 -7.44 29.00
N ALA B 219 16.72 -7.83 29.80
CA ALA B 219 15.89 -6.88 30.56
C ALA B 219 16.67 -5.92 31.43
N ASP B 220 17.75 -6.37 32.07
CA ASP B 220 18.50 -5.51 33.00
C ASP B 220 19.84 -5.03 32.44
N GLU B 221 20.04 -5.20 31.13
CA GLU B 221 21.32 -4.92 30.51
C GLU B 221 21.34 -3.68 29.62
N CYS B 222 20.34 -2.81 29.71
CA CYS B 222 20.37 -1.59 28.91
C CYS B 222 21.68 -0.80 29.16
N PRO B 223 22.46 -0.51 28.09
CA PRO B 223 23.73 0.21 28.25
C PRO B 223 23.61 1.73 28.41
N LEU B 224 22.41 2.29 28.25
CA LEU B 224 22.17 3.71 28.39
C LEU B 224 21.48 4.01 29.70
N VAL B 225 21.87 5.14 30.31
CA VAL B 225 21.23 5.65 31.51
C VAL B 225 20.21 6.70 31.09
N ASP B 226 18.98 6.59 31.59
CA ASP B 226 17.93 7.53 31.25
C ASP B 226 18.22 8.89 31.89
N PRO B 227 18.22 9.99 31.09
CA PRO B 227 18.64 11.26 31.70
C PRO B 227 17.64 11.89 32.66
N VAL B 228 16.38 11.43 32.65
CA VAL B 228 15.36 11.92 33.58
C VAL B 228 15.44 11.17 34.92
N THR B 229 15.36 9.84 34.85
CA THR B 229 15.28 8.99 36.04
C THR B 229 16.62 8.48 36.57
N GLY B 230 17.65 8.48 35.70
CA GLY B 230 18.95 7.90 36.04
C GLY B 230 18.99 6.37 36.11
N LEU B 231 17.93 5.71 35.66
CA LEU B 231 17.85 4.26 35.64
C LEU B 231 18.25 3.75 34.26
N ARG B 232 18.75 2.51 34.20
CA ARG B 232 19.09 1.87 32.93
C ARG B 232 17.86 1.15 32.38
N THR B 233 16.89 1.95 31.98
CA THR B 233 15.67 1.44 31.39
C THR B 233 15.80 1.55 29.88
N TRP B 234 15.38 0.52 29.15
CA TRP B 234 15.43 0.54 27.69
C TRP B 234 14.53 1.63 27.15
N PRO B 235 15.09 2.57 26.37
CA PRO B 235 14.22 3.57 25.75
C PRO B 235 13.42 2.95 24.60
N THR B 236 12.27 3.53 24.28
CA THR B 236 11.41 2.98 23.23
C THR B 236 11.95 3.16 21.80
N GLU B 237 12.75 4.20 21.61
CA GLU B 237 13.45 4.46 20.35
C GLU B 237 14.84 4.98 20.69
N VAL B 238 15.71 5.02 19.69
CA VAL B 238 17.04 5.57 19.93
C VAL B 238 16.88 7.04 20.30
N PRO B 239 17.55 7.50 21.36
CA PRO B 239 17.43 8.94 21.66
C PRO B 239 17.84 9.88 20.52
N SER B 240 17.09 10.97 20.38
CA SER B 240 17.50 12.08 19.54
C SER B 240 18.29 13.05 20.41
N ARG B 241 19.03 13.93 19.75
CA ARG B 241 19.95 14.85 20.41
C ARG B 241 19.19 15.80 21.35
N PRO B 242 19.79 16.15 22.49
CA PRO B 242 19.10 17.02 23.43
C PRO B 242 19.09 18.48 22.99
N GLY B 243 18.08 19.23 23.42
CA GLY B 243 18.08 20.68 23.25
C GLY B 243 18.54 21.40 24.52
N PRO B 244 18.25 22.71 24.62
CA PRO B 244 18.57 23.50 25.83
C PRO B 244 18.08 22.89 27.15
N SER B 245 16.95 22.18 27.10
CA SER B 245 16.38 21.48 28.25
C SER B 245 17.22 20.32 28.78
N GLY B 246 18.17 19.83 27.99
CA GLY B 246 18.86 18.59 28.27
C GLY B 246 18.11 17.34 27.81
N LEU B 247 16.89 17.53 27.30
CA LEU B 247 16.05 16.45 26.81
C LEU B 247 15.77 16.66 25.33
N SER B 248 15.19 15.65 24.68
CA SER B 248 15.04 15.71 23.22
C SER B 248 13.91 16.61 22.75
N TRP B 249 12.93 16.96 23.59
CA TRP B 249 11.75 17.67 23.08
C TRP B 249 12.12 18.98 22.37
N ASP B 250 13.12 19.69 22.87
CA ASP B 250 13.57 20.94 22.24
C ASP B 250 14.90 20.80 21.48
N GLY B 251 15.32 19.56 21.19
CA GLY B 251 16.49 19.29 20.42
C GLY B 251 16.20 19.42 18.93
N PRO B 252 17.23 19.24 18.12
CA PRO B 252 17.08 19.44 16.68
C PRO B 252 16.25 18.37 15.95
N GLY B 253 16.06 17.18 16.56
CA GLY B 253 15.32 16.06 15.95
C GLY B 253 16.22 15.07 15.22
N GLU B 254 17.54 15.21 15.37
CA GLU B 254 18.54 14.33 14.77
C GLU B 254 18.85 13.21 15.75
N ILE B 255 19.08 12.01 15.23
CA ILE B 255 19.47 10.86 16.06
C ILE B 255 20.80 11.17 16.78
N ASP B 256 20.88 10.73 18.03
CA ASP B 256 22.11 10.84 18.84
C ASP B 256 23.02 9.70 18.41
N VAL B 257 24.07 10.02 17.67
CA VAL B 257 24.94 9.02 17.06
C VAL B 257 25.64 8.18 18.11
N ASP B 258 26.10 8.83 19.18
N ASP B 258 26.07 8.81 19.19
CA ASP B 258 26.74 8.13 20.31
CA ASP B 258 26.72 8.06 20.24
C ASP B 258 25.80 7.07 20.88
C ASP B 258 25.80 7.05 20.91
N ALA B 259 24.56 7.48 21.19
CA ALA B 259 23.54 6.57 21.73
C ALA B 259 23.24 5.42 20.78
N LEU B 260 23.14 5.74 19.50
CA LEU B 260 22.91 4.72 18.48
C LEU B 260 24.04 3.68 18.47
N ALA B 261 25.28 4.18 18.47
CA ALA B 261 26.45 3.30 18.44
C ALA B 261 26.54 2.39 19.67
N VAL B 262 26.27 2.92 20.85
CA VAL B 262 26.22 2.11 22.07
C VAL B 262 25.20 0.99 21.92
N LEU B 263 24.00 1.32 21.45
CA LEU B 263 22.91 0.35 21.32
C LEU B 263 23.19 -0.68 20.25
N VAL B 264 23.71 -0.23 19.10
CA VAL B 264 24.08 -1.16 18.02
C VAL B 264 25.20 -2.12 18.45
N GLU B 265 26.24 -1.60 19.12
CA GLU B 265 27.31 -2.46 19.64
C GLU B 265 26.72 -3.55 20.55
N PHE B 266 25.82 -3.16 21.43
CA PHE B 266 25.21 -4.11 22.37
C PHE B 266 24.61 -5.30 21.66
N PHE B 267 23.79 -5.05 20.64
CA PHE B 267 23.10 -6.13 19.93
C PHE B 267 24.00 -6.85 18.94
N ALA B 268 24.88 -6.14 18.27
CA ALA B 268 25.79 -6.75 17.33
C ALA B 268 26.72 -7.73 18.07
N ALA B 269 27.17 -7.36 19.26
CA ALA B 269 28.03 -8.26 20.06
C ALA B 269 27.30 -9.53 20.45
N LYS B 270 25.97 -9.45 20.62
CA LYS B 270 25.14 -10.63 20.91
C LYS B 270 24.91 -11.54 19.68
N GLY B 271 25.33 -11.09 18.49
CA GLY B 271 25.17 -11.84 17.26
C GLY B 271 23.99 -11.47 16.37
N HIS B 272 23.23 -10.44 16.74
CA HIS B 272 22.07 -10.00 15.93
C HIS B 272 22.52 -9.23 14.69
N PRO B 273 21.88 -9.47 13.53
CA PRO B 273 21.97 -8.53 12.43
C PRO B 273 21.16 -7.26 12.74
N VAL B 274 21.50 -6.18 12.05
CA VAL B 274 21.08 -4.83 12.46
C VAL B 274 20.42 -4.10 11.29
N PHE B 275 19.21 -3.59 11.54
CA PHE B 275 18.51 -2.69 10.59
C PHE B 275 18.51 -1.29 11.26
N VAL B 276 18.94 -0.27 10.51
CA VAL B 276 18.92 1.10 11.00
C VAL B 276 18.13 1.94 9.99
N ASN B 277 17.11 2.64 10.48
CA ASN B 277 16.45 3.64 9.66
C ASN B 277 16.94 5.01 10.10
N LEU B 278 17.31 5.83 9.13
CA LEU B 278 17.77 7.20 9.35
C LEU B 278 16.83 8.16 8.61
N ASN B 279 16.45 9.22 9.31
CA ASN B 279 15.45 10.17 8.79
C ASN B 279 16.12 11.30 8.06
N LEU B 280 15.78 11.47 6.78
CA LEU B 280 16.30 12.59 6.00
C LEU B 280 15.15 13.58 5.74
N GLY B 281 14.95 14.47 6.69
CA GLY B 281 13.80 15.39 6.68
C GLY B 281 12.70 14.81 7.54
N SER B 282 12.89 14.86 8.86
CA SER B 282 12.00 14.22 9.80
C SER B 282 10.62 14.89 9.84
N THR B 283 9.61 14.15 10.27
CA THR B 283 8.24 14.64 10.08
C THR B 283 7.94 15.95 10.77
N PHE B 284 8.28 16.08 12.06
CA PHE B 284 7.87 17.30 12.75
C PHE B 284 8.91 18.41 12.71
N LYS B 285 10.18 18.06 12.82
CA LYS B 285 11.26 19.06 12.87
C LYS B 285 12.03 19.24 11.55
N GLY B 286 11.77 18.40 10.55
CA GLY B 286 12.53 18.47 9.31
C GLY B 286 14.02 18.26 9.46
N ALA B 287 14.40 17.49 10.48
CA ALA B 287 15.79 17.22 10.78
C ALA B 287 16.38 16.25 9.78
N HIS B 288 17.70 16.28 9.63
CA HIS B 288 18.46 15.36 8.81
C HIS B 288 19.43 14.59 9.70
N ASP B 289 19.14 13.32 9.96
CA ASP B 289 20.11 12.44 10.62
C ASP B 289 21.41 12.50 9.87
N ASP B 290 22.52 12.49 10.60
CA ASP B 290 23.84 12.61 10.00
C ASP B 290 24.23 11.25 9.49
N VAL B 291 23.77 10.94 8.28
CA VAL B 291 23.90 9.59 7.74
C VAL B 291 25.39 9.21 7.60
N ARG B 292 26.22 10.13 7.12
CA ARG B 292 27.65 9.84 7.00
C ARG B 292 28.26 9.59 8.40
N ALA B 293 27.93 10.42 9.39
CA ALA B 293 28.50 10.23 10.75
C ALA B 293 28.08 8.88 11.30
N VAL B 294 26.81 8.53 11.12
CA VAL B 294 26.31 7.23 11.58
C VAL B 294 27.08 6.07 10.95
N CYS B 295 27.27 6.15 9.64
CA CYS B 295 27.94 5.10 8.87
C CYS B 295 29.41 4.98 9.28
N GLU B 296 30.10 6.13 9.44
CA GLU B 296 31.49 6.10 9.96
C GLU B 296 31.60 5.48 11.34
N ARG B 297 30.64 5.77 12.22
N ARG B 297 30.62 5.76 12.21
CA ARG B 297 30.64 5.22 13.56
CA ARG B 297 30.61 5.28 13.56
C ARG B 297 30.36 3.74 13.55
C ARG B 297 30.19 3.82 13.69
N LEU B 298 29.35 3.32 12.77
CA LEU B 298 28.88 1.93 12.86
C LEU B 298 29.73 0.93 12.10
N LEU B 299 30.38 1.35 11.01
CA LEU B 299 31.15 0.40 10.20
C LEU B 299 32.19 -0.40 11.00
N PRO B 300 32.98 0.27 11.85
CA PRO B 300 33.91 -0.54 12.69
C PRO B 300 33.24 -1.55 13.63
N ILE B 301 32.05 -1.20 14.14
CA ILE B 301 31.24 -2.10 14.95
C ILE B 301 30.80 -3.30 14.11
N PHE B 302 30.32 -3.02 12.90
CA PHE B 302 29.94 -4.08 11.99
C PHE B 302 31.13 -4.99 11.66
N GLU B 303 32.31 -4.40 11.44
CA GLU B 303 33.47 -5.21 11.05
C GLU B 303 33.95 -6.07 12.23
N ARG B 304 33.99 -5.47 13.42
CA ARG B 304 34.34 -6.18 14.66
C ARG B 304 33.48 -7.40 14.91
N HIS B 305 32.19 -7.33 14.60
CA HIS B 305 31.25 -8.40 14.94
C HIS B 305 30.84 -9.26 13.76
N GLY B 306 31.59 -9.19 12.66
CA GLY B 306 31.41 -10.08 11.53
C GLY B 306 30.14 -9.83 10.74
N LEU B 307 29.71 -8.56 10.69
CA LEU B 307 28.49 -8.20 9.95
C LEU B 307 28.71 -7.59 8.56
N VAL B 308 29.96 -7.42 8.12
CA VAL B 308 30.22 -6.88 6.79
C VAL B 308 29.99 -7.95 5.73
N GLN B 309 30.50 -9.14 6.01
CA GLN B 309 30.35 -10.28 5.11
C GLN B 309 30.15 -11.47 6.02
N ARG B 310 29.05 -12.18 5.83
CA ARG B 310 28.81 -13.38 6.60
C ARG B 310 28.05 -14.45 5.83
N GLU B 311 28.36 -15.70 6.13
CA GLU B 311 27.64 -16.82 5.53
C GLU B 311 26.23 -16.90 6.10
N VAL B 312 25.28 -17.18 5.22
CA VAL B 312 23.87 -17.26 5.61
C VAL B 312 23.28 -18.55 5.08
N VAL B 313 22.64 -19.32 5.97
CA VAL B 313 21.89 -20.52 5.57
C VAL B 313 20.49 -20.12 5.09
N TYR B 314 20.23 -20.31 3.79
CA TYR B 314 18.90 -20.07 3.21
C TYR B 314 18.23 -21.41 2.87
N GLY B 315 17.45 -21.93 3.82
CA GLY B 315 16.69 -23.17 3.64
C GLY B 315 17.54 -24.44 3.68
N SER B 316 16.90 -25.55 3.33
CA SER B 316 17.56 -26.85 3.22
C SER B 316 16.70 -27.85 2.43
N CYS B 317 17.28 -29.02 2.13
CA CYS B 317 16.59 -30.08 1.39
C CYS B 317 17.17 -31.47 1.73
N PRO B 318 16.32 -32.52 1.78
CA PRO B 318 16.73 -33.85 2.30
C PRO B 318 17.82 -34.56 1.48
N GLN B 319 18.89 -34.98 2.16
CA GLN B 319 20.06 -35.62 1.53
C GLN B 319 20.89 -36.31 2.64
N THR B 320 22.15 -36.66 2.35
CA THR B 320 23.16 -36.85 3.39
C THR B 320 23.37 -35.53 4.12
N GLY B 321 23.54 -34.45 3.35
CA GLY B 321 23.57 -33.08 3.86
C GLY B 321 22.19 -32.44 3.93
N ARG B 322 22.15 -31.10 3.96
CA ARG B 322 20.89 -30.35 4.01
C ARG B 322 20.96 -28.89 3.47
N PRO B 323 21.59 -27.95 4.23
CA PRO B 323 21.37 -26.53 3.94
C PRO B 323 22.15 -25.94 2.75
N LEU B 324 21.53 -24.97 2.08
CA LEU B 324 22.21 -24.10 1.09
C LEU B 324 22.80 -22.91 1.84
N VAL B 325 23.81 -22.26 1.25
CA VAL B 325 24.51 -21.13 1.88
C VAL B 325 24.92 -20.06 0.84
N ASP B 326 24.76 -18.78 1.21
CA ASP B 326 25.35 -17.67 0.46
C ASP B 326 25.92 -16.59 1.41
N VAL B 327 26.60 -15.60 0.84
CA VAL B 327 27.27 -14.55 1.63
C VAL B 327 26.53 -13.21 1.49
N ARG B 328 26.27 -12.58 2.63
CA ARG B 328 25.47 -11.35 2.71
C ARG B 328 26.08 -10.42 3.73
N ARG B 329 25.75 -9.14 3.65
CA ARG B 329 26.00 -8.29 4.81
C ARG B 329 24.96 -8.58 5.90
N GLY B 330 25.33 -8.26 7.13
CA GLY B 330 24.52 -8.47 8.29
C GLY B 330 23.96 -7.18 8.87
N PHE B 331 24.03 -6.10 8.08
CA PHE B 331 23.37 -4.86 8.44
C PHE B 331 22.65 -4.31 7.22
N TRP B 332 21.68 -3.43 7.47
CA TRP B 332 20.91 -2.77 6.42
C TRP B 332 20.61 -1.36 6.91
N ILE B 333 21.13 -0.36 6.20
CA ILE B 333 20.86 1.03 6.50
C ILE B 333 19.86 1.55 5.46
N HIS B 334 18.72 2.02 5.96
CA HIS B 334 17.63 2.57 5.17
C HIS B 334 17.57 4.05 5.46
N VAL B 335 17.36 4.84 4.41
CA VAL B 335 17.14 6.30 4.54
C VAL B 335 15.67 6.60 4.22
N ASP B 336 14.94 7.01 5.24
CA ASP B 336 13.58 7.53 5.06
C ASP B 336 13.69 8.98 4.59
N GLY B 337 13.73 9.14 3.28
CA GLY B 337 13.80 10.43 2.63
C GLY B 337 12.47 10.84 2.05
N ALA B 338 11.38 10.36 2.66
CA ALA B 338 10.02 10.72 2.20
C ALA B 338 9.96 12.16 1.75
N LEU B 339 10.43 13.05 2.61
CA LEU B 339 10.58 14.45 2.26
C LEU B 339 11.94 14.75 1.64
N GLY B 340 12.99 14.50 2.43
CA GLY B 340 14.27 15.12 2.14
C GLY B 340 15.04 14.55 0.96
N ALA B 341 14.75 13.34 0.49
CA ALA B 341 15.45 12.80 -0.68
C ALA B 341 15.12 13.57 -1.96
N GLY B 342 14.03 14.33 -1.90
CA GLY B 342 13.62 15.16 -3.02
C GLY B 342 14.36 16.48 -3.15
N TYR B 343 14.88 17.04 -2.05
CA TYR B 343 15.63 18.32 -2.12
C TYR B 343 17.09 18.21 -1.71
N ALA B 344 17.44 17.23 -0.87
CA ALA B 344 18.79 17.20 -0.29
C ALA B 344 19.86 17.10 -1.38
N PRO B 345 19.65 16.33 -2.46
CA PRO B 345 20.71 16.30 -3.50
C PRO B 345 21.00 17.67 -4.10
N PHE B 346 19.95 18.50 -4.23
CA PHE B 346 20.12 19.85 -4.80
C PHE B 346 20.79 20.83 -3.83
N LEU B 347 20.46 20.77 -2.56
CA LEU B 347 21.16 21.57 -1.58
C LEU B 347 22.64 21.19 -1.60
N ARG B 348 22.95 19.89 -1.63
CA ARG B 348 24.35 19.42 -1.64
C ARG B 348 25.10 19.80 -2.93
N LEU B 349 24.40 19.89 -4.05
CA LEU B 349 24.99 20.43 -5.29
C LEU B 349 25.47 21.87 -5.09
N ALA B 350 24.64 22.70 -4.46
CA ALA B 350 25.01 24.09 -4.19
C ALA B 350 26.18 24.13 -3.22
N ALA B 351 26.13 23.31 -2.18
CA ALA B 351 27.23 23.29 -1.19
C ALA B 351 28.58 22.97 -1.86
N GLU B 352 28.55 22.13 -2.87
CA GLU B 352 29.75 21.73 -3.62
C GLU B 352 30.28 22.84 -4.54
N ASP B 353 29.37 23.62 -5.14
CA ASP B 353 29.73 24.72 -6.06
C ASP B 353 28.93 26.00 -5.72
N PRO B 354 29.23 26.62 -4.56
CA PRO B 354 28.44 27.79 -4.15
C PRO B 354 28.57 29.01 -5.06
N GLU B 355 29.73 29.18 -5.69
CA GLU B 355 29.92 30.27 -6.64
C GLU B 355 29.05 30.06 -7.89
N GLY B 356 29.04 28.83 -8.39
CA GLY B 356 28.27 28.49 -9.60
C GLY B 356 26.76 28.65 -9.43
N TYR B 357 26.25 28.30 -8.25
CA TYR B 357 24.81 28.46 -7.97
C TYR B 357 24.46 29.78 -7.30
N GLY B 358 25.47 30.59 -6.96
CA GLY B 358 25.23 31.86 -6.30
C GLY B 358 24.61 31.75 -4.93
N TRP B 359 24.90 30.65 -4.23
CA TRP B 359 24.28 30.37 -2.96
C TRP B 359 25.14 29.41 -2.15
N THR B 360 25.45 29.80 -0.91
CA THR B 360 26.06 28.91 0.06
C THR B 360 24.98 28.54 1.06
N PRO B 361 24.56 27.26 1.07
CA PRO B 361 23.59 26.87 2.09
C PRO B 361 24.11 27.10 3.53
N GLU B 362 23.21 27.57 4.39
CA GLU B 362 23.52 27.87 5.80
C GLU B 362 24.03 26.66 6.59
N ALA B 363 23.46 25.50 6.37
CA ALA B 363 23.77 24.31 7.15
C ALA B 363 24.30 23.25 6.20
N GLU B 364 25.17 22.40 6.70
CA GLU B 364 25.62 21.27 5.92
C GLU B 364 24.55 20.19 6.00
N LEU B 365 24.21 19.61 4.86
CA LEU B 365 23.34 18.43 4.85
C LEU B 365 24.24 17.24 4.62
N PRO B 366 24.12 16.19 5.45
CA PRO B 366 25.03 15.07 5.40
C PRO B 366 24.92 14.24 4.13
N GLU B 367 26.06 13.72 3.65
CA GLU B 367 26.05 12.70 2.59
C GLU B 367 25.21 11.52 3.07
N PHE B 368 24.31 11.06 2.22
CA PHE B 368 23.30 10.10 2.64
C PHE B 368 22.99 9.01 1.64
N ASP B 369 23.55 9.06 0.43
CA ASP B 369 22.96 8.30 -0.68
C ASP B 369 23.76 7.06 -1.05
N PHE B 370 23.50 6.48 -2.22
CA PHE B 370 24.13 5.25 -2.65
C PHE B 370 25.61 5.42 -3.00
N GLY B 371 26.06 6.67 -3.08
CA GLY B 371 27.45 6.98 -3.32
C GLY B 371 28.33 6.95 -2.09
N LEU B 372 27.74 6.86 -0.90
CA LEU B 372 28.49 6.89 0.36
C LEU B 372 29.24 5.56 0.56
N ARG B 373 30.57 5.64 0.51
CA ARG B 373 31.42 4.46 0.55
C ARG B 373 32.52 4.72 1.59
N LEU B 374 32.81 3.73 2.43
CA LEU B 374 33.79 3.90 3.52
C LEU B 374 34.81 2.78 3.50
N PRO B 375 36.07 3.10 3.86
CA PRO B 375 37.09 2.05 3.94
C PRO B 375 36.93 1.19 5.19
N THR B 376 37.45 -0.04 5.12
CA THR B 376 37.48 -0.96 6.25
C THR B 376 38.91 -1.46 6.54
N ALA B 377 39.08 -2.10 7.70
CA ALA B 377 40.37 -2.71 8.08
C ALA B 377 40.78 -3.84 7.13
N GLY B 378 39.83 -4.70 6.75
CA GLY B 378 40.12 -5.86 5.89
C GLY B 378 39.03 -6.36 4.95
N HIS B 379 38.09 -5.49 4.56
CA HIS B 379 37.03 -5.86 3.59
C HIS B 379 36.93 -4.94 2.36
N GLY B 380 37.88 -4.02 2.18
CA GLY B 380 37.83 -3.05 1.09
C GLY B 380 36.81 -1.95 1.38
N GLU B 381 36.46 -1.18 0.34
CA GLU B 381 35.47 -0.10 0.49
C GLU B 381 34.06 -0.70 0.55
N VAL B 382 33.24 -0.18 1.46
CA VAL B 382 31.87 -0.67 1.65
C VAL B 382 30.87 0.45 1.31
N ASP B 383 29.96 0.12 0.38
CA ASP B 383 28.83 0.99 0.02
C ASP B 383 27.78 0.87 1.12
N MET B 384 27.54 1.95 1.86
CA MET B 384 26.90 1.83 3.17
C MET B 384 25.38 1.77 3.19
N VAL B 385 24.73 2.47 2.27
CA VAL B 385 23.26 2.58 2.30
C VAL B 385 22.66 1.47 1.43
N SER B 386 21.66 0.78 1.95
CA SER B 386 20.97 -0.28 1.22
C SER B 386 19.70 0.15 0.52
N SER B 387 19.00 1.14 1.06
CA SER B 387 17.73 1.56 0.47
C SER B 387 17.36 2.98 0.83
N ILE B 388 16.55 3.59 -0.03
CA ILE B 388 16.02 4.94 0.15
C ILE B 388 14.54 4.93 -0.25
N ALA B 389 13.72 5.65 0.51
CA ALA B 389 12.35 5.96 0.11
C ALA B 389 12.16 7.46 -0.02
N MET B 390 11.30 7.86 -0.96
CA MET B 390 10.91 9.26 -1.15
C MET B 390 9.43 9.34 -1.53
N SER B 391 8.73 10.36 -1.05
CA SER B 391 7.34 10.64 -1.40
C SER B 391 7.32 11.68 -2.49
N GLY B 392 6.64 11.41 -3.59
CA GLY B 392 6.52 12.36 -4.69
C GLY B 392 5.58 13.51 -4.40
N HIS B 393 4.59 13.27 -3.56
CA HIS B 393 3.59 14.27 -3.17
C HIS B 393 4.07 15.22 -2.09
N LYS B 394 5.30 15.01 -1.58
CA LYS B 394 5.91 15.94 -0.63
C LYS B 394 6.66 17.04 -1.37
N TRP B 395 7.96 16.89 -1.65
CA TRP B 395 8.70 18.02 -2.23
C TRP B 395 8.24 18.39 -3.66
N ALA B 396 8.14 17.40 -4.55
CA ALA B 396 7.73 17.66 -5.93
C ALA B 396 6.29 18.14 -6.03
N GLY B 397 5.39 17.46 -5.30
CA GLY B 397 3.96 17.69 -5.38
C GLY B 397 3.28 16.71 -6.34
N ALA B 398 2.14 16.17 -5.94
CA ALA B 398 1.33 15.30 -6.80
C ALA B 398 -0.11 15.41 -6.31
N PRO B 399 -1.09 15.02 -7.15
CA PRO B 399 -2.49 15.11 -6.68
C PRO B 399 -2.93 13.92 -5.82
N TRP B 400 -2.04 12.94 -5.61
CA TRP B 400 -2.28 11.79 -4.75
C TRP B 400 -0.94 11.24 -4.30
N PRO B 401 -0.95 10.38 -3.28
CA PRO B 401 0.31 9.85 -2.78
C PRO B 401 1.04 8.99 -3.79
N CYS B 402 2.36 9.12 -3.83
CA CYS B 402 3.23 8.37 -4.73
C CYS B 402 4.66 8.50 -4.18
N GLY B 403 5.59 7.85 -4.88
CA GLY B 403 6.96 7.98 -4.47
C GLY B 403 7.81 6.88 -5.07
N ILE B 404 8.99 6.68 -4.46
CA ILE B 404 10.00 5.77 -4.97
C ILE B 404 10.55 4.94 -3.82
N TYR B 405 10.76 3.65 -4.09
CA TYR B 405 11.62 2.79 -3.27
C TYR B 405 12.79 2.42 -4.16
N MET B 406 14.02 2.57 -3.63
CA MET B 406 15.19 2.15 -4.40
C MET B 406 16.16 1.39 -3.50
N THR B 407 16.74 0.35 -4.09
CA THR B 407 17.78 -0.45 -3.44
C THR B 407 18.77 -0.85 -4.54
N LYS B 408 19.46 -1.98 -4.36
CA LYS B 408 20.36 -2.53 -5.35
C LYS B 408 19.97 -3.97 -5.66
N VAL B 409 20.35 -4.42 -6.85
CA VAL B 409 20.00 -5.74 -7.35
C VAL B 409 20.44 -6.83 -6.37
N LYS B 410 21.61 -6.66 -5.78
CA LYS B 410 22.14 -7.64 -4.83
C LYS B 410 21.29 -7.88 -3.58
N TYR B 411 20.35 -6.99 -3.27
CA TYR B 411 19.46 -7.16 -2.13
C TYR B 411 18.10 -7.75 -2.48
N GLN B 412 17.79 -7.89 -3.78
CA GLN B 412 16.43 -8.28 -4.17
C GLN B 412 16.11 -9.68 -3.70
N ILE B 413 14.94 -9.81 -3.07
CA ILE B 413 14.47 -11.09 -2.53
C ILE B 413 13.68 -11.79 -3.62
N SER B 414 13.74 -13.12 -3.61
CA SER B 414 12.93 -13.94 -4.50
C SER B 414 11.45 -13.54 -4.30
N PRO B 415 10.68 -13.30 -5.40
CA PRO B 415 9.26 -12.92 -5.21
C PRO B 415 8.44 -13.96 -4.45
N PRO B 416 7.32 -13.55 -3.78
CA PRO B 416 6.52 -14.53 -3.02
C PRO B 416 5.88 -15.62 -3.88
N SER B 417 5.58 -15.30 -5.15
CA SER B 417 5.09 -16.28 -6.12
C SER B 417 5.43 -15.83 -7.54
N GLN B 418 5.13 -16.70 -8.52
CA GLN B 418 5.37 -16.43 -9.94
C GLN B 418 4.03 -16.40 -10.71
N PRO B 419 3.30 -15.26 -10.66
CA PRO B 419 2.03 -15.14 -11.39
C PRO B 419 2.20 -15.00 -12.91
N ASP B 420 1.72 -15.99 -13.67
CA ASP B 420 1.70 -15.97 -15.15
C ASP B 420 0.92 -14.79 -15.74
N TYR B 421 -0.20 -14.48 -15.09
CA TYR B 421 -1.24 -13.63 -15.66
C TYR B 421 -0.92 -12.13 -15.74
N ILE B 422 0.14 -11.70 -15.06
CA ILE B 422 0.58 -10.31 -15.18
C ILE B 422 1.75 -10.12 -16.19
N GLY B 423 2.44 -11.23 -16.52
CA GLY B 423 3.51 -11.23 -17.56
C GLY B 423 4.82 -10.55 -17.21
N ALA B 424 4.97 -10.22 -15.92
CA ALA B 424 6.10 -9.45 -15.38
C ALA B 424 6.25 -9.95 -13.94
N PRO B 425 7.47 -9.99 -13.38
CA PRO B 425 7.59 -10.54 -12.02
C PRO B 425 6.87 -9.72 -10.94
N ASP B 426 6.39 -10.38 -9.89
CA ASP B 426 5.74 -9.70 -8.76
C ASP B 426 6.83 -9.30 -7.79
N THR B 427 7.53 -8.23 -8.10
CA THR B 427 8.68 -7.79 -7.29
C THR B 427 8.34 -6.65 -6.33
N THR B 428 7.06 -6.29 -6.24
CA THR B 428 6.68 -5.02 -5.63
C THR B 428 5.72 -5.27 -4.47
N PHE B 429 5.49 -4.26 -3.65
CA PHE B 429 4.54 -4.39 -2.53
C PHE B 429 3.13 -4.42 -3.11
N ALA B 430 2.78 -3.38 -3.87
CA ALA B 430 1.50 -3.35 -4.61
C ALA B 430 1.43 -4.45 -5.67
N GLY B 431 0.20 -4.74 -6.09
CA GLY B 431 -0.13 -5.64 -7.18
C GLY B 431 -0.33 -4.79 -8.41
N SER B 432 -1.59 -4.46 -8.75
CA SER B 432 -1.80 -3.33 -9.65
C SER B 432 -1.00 -2.16 -9.14
N ARG B 433 -0.38 -1.38 -10.04
CA ARG B 433 0.36 -0.21 -9.61
C ARG B 433 -0.07 1.01 -10.37
N ASN B 434 -0.03 2.14 -9.67
CA ASN B 434 -0.34 3.45 -10.23
C ASN B 434 0.65 3.79 -11.34
N GLY B 435 0.16 3.90 -12.57
CA GLY B 435 0.96 4.31 -13.71
C GLY B 435 0.68 5.74 -14.12
N PHE B 436 -0.14 6.45 -13.34
CA PHE B 436 -0.34 7.88 -13.56
C PHE B 436 0.75 8.66 -12.83
N SER B 437 1.12 8.23 -11.61
CA SER B 437 2.18 8.91 -10.85
C SER B 437 3.49 9.03 -11.63
N PRO B 438 3.91 8.00 -12.39
CA PRO B 438 5.07 8.22 -13.27
C PRO B 438 4.94 9.44 -14.17
N LEU B 439 3.77 9.63 -14.77
CA LEU B 439 3.54 10.81 -15.60
C LEU B 439 3.65 12.09 -14.78
N ILE B 440 3.06 12.10 -13.58
CA ILE B 440 3.11 13.29 -12.71
C ILE B 440 4.56 13.71 -12.46
N LEU B 441 5.37 12.75 -12.01
CA LEU B 441 6.77 13.07 -11.66
C LEU B 441 7.60 13.34 -12.87
N TRP B 442 7.40 12.59 -13.95
CA TRP B 442 8.14 12.86 -15.20
C TRP B 442 7.88 14.30 -15.68
N ASP B 443 6.62 14.71 -15.63
CA ASP B 443 6.24 16.03 -16.10
C ASP B 443 6.92 17.10 -15.24
N HIS B 444 6.85 16.91 -13.91
CA HIS B 444 7.57 17.78 -12.97
C HIS B 444 9.07 17.86 -13.27
N LEU B 445 9.72 16.72 -13.35
CA LEU B 445 11.19 16.70 -13.48
C LEU B 445 11.62 17.28 -14.83
N SER B 446 10.80 17.05 -15.85
CA SER B 446 11.11 17.57 -17.18
C SER B 446 11.06 19.11 -17.26
N ARG B 447 10.34 19.74 -16.35
CA ARG B 447 10.10 21.19 -16.37
C ARG B 447 11.20 21.99 -15.70
N TYR B 448 12.08 21.32 -14.94
CA TYR B 448 13.09 22.00 -14.14
C TYR B 448 14.47 21.47 -14.41
N SER B 449 15.44 22.37 -14.52
CA SER B 449 16.84 21.97 -14.58
C SER B 449 17.29 21.73 -13.14
N TYR B 450 18.47 21.13 -13.02
CA TYR B 450 19.14 21.07 -11.73
C TYR B 450 19.22 22.47 -11.10
N ARG B 451 19.61 23.48 -11.88
CA ARG B 451 19.70 24.83 -11.37
C ARG B 451 18.35 25.33 -10.82
N ASP B 452 17.27 25.03 -11.53
CA ASP B 452 15.94 25.41 -11.06
C ASP B 452 15.61 24.69 -9.73
N GLN B 453 15.98 23.42 -9.63
CA GLN B 453 15.76 22.66 -8.38
C GLN B 453 16.56 23.22 -7.20
N VAL B 454 17.80 23.65 -7.46
CA VAL B 454 18.60 24.33 -6.45
C VAL B 454 17.91 25.61 -6.01
N GLU B 455 17.38 26.39 -6.95
CA GLU B 455 16.64 27.61 -6.60
C GLU B 455 15.42 27.34 -5.72
N ARG B 456 14.72 26.23 -5.98
CA ARG B 456 13.57 25.92 -5.17
C ARG B 456 13.93 25.66 -3.71
N ILE B 457 14.97 24.87 -3.48
CA ILE B 457 15.38 24.59 -2.09
C ILE B 457 16.04 25.82 -1.45
N ARG B 458 16.76 26.63 -2.25
CA ARG B 458 17.29 27.91 -1.72
C ARG B 458 16.19 28.83 -1.20
N GLU B 459 15.17 29.07 -2.02
CA GLU B 459 14.11 29.99 -1.61
C GLU B 459 13.40 29.49 -0.37
N ALA B 460 13.18 28.17 -0.29
CA ALA B 460 12.52 27.57 0.87
C ALA B 460 13.35 27.72 2.15
N GLN B 461 14.64 27.46 2.04
CA GLN B 461 15.56 27.62 3.17
C GLN B 461 15.56 29.07 3.66
N GLU B 462 15.64 29.99 2.72
CA GLU B 462 15.67 31.43 3.05
C GLU B 462 14.34 31.90 3.65
N LEU B 463 13.23 31.37 3.12
CA LEU B 463 11.92 31.74 3.67
C LEU B 463 11.66 31.13 5.05
N ALA B 464 12.16 29.92 5.32
CA ALA B 464 12.08 29.33 6.67
C ALA B 464 12.86 30.18 7.67
N ALA B 465 14.06 30.62 7.27
CA ALA B 465 14.82 31.54 8.12
C ALA B 465 14.08 32.87 8.37
N TYR B 466 13.45 33.40 7.33
CA TYR B 466 12.64 34.62 7.43
C TYR B 466 11.48 34.44 8.41
N LEU B 467 10.79 33.32 8.30
CA LEU B 467 9.69 33.03 9.20
C LEU B 467 10.15 33.00 10.65
N GLU B 468 11.27 32.32 10.90
CA GLU B 468 11.80 32.27 12.26
C GLU B 468 12.15 33.68 12.75
N ARG B 469 12.76 34.50 11.90
CA ARG B 469 13.08 35.89 12.26
C ARG B 469 11.82 36.67 12.61
N ARG B 470 10.79 36.55 11.75
CA ARG B 470 9.54 37.26 12.00
C ARG B 470 8.82 36.84 13.28
N LEU B 471 8.88 35.55 13.63
CA LEU B 471 8.22 35.07 14.84
C LEU B 471 8.89 35.65 16.09
N THR B 472 10.22 35.72 16.11
CA THR B 472 10.88 36.32 17.26
C THR B 472 10.67 37.82 17.32
N ALA B 473 10.60 38.50 16.17
CA ALA B 473 10.25 39.92 16.14
C ALA B 473 8.83 40.15 16.68
N MET B 474 7.92 39.24 16.36
CA MET B 474 6.55 39.32 16.89
C MET B 474 6.53 39.19 18.40
N GLU B 475 7.35 38.28 18.93
CA GLU B 475 7.45 38.13 20.38
C GLU B 475 7.83 39.46 21.02
N ARG B 476 8.79 40.15 20.40
CA ARG B 476 9.27 41.45 20.92
C ARG B 476 8.27 42.59 20.73
N GLU B 477 7.61 42.63 19.58
CA GLU B 477 6.62 43.69 19.32
C GLU B 477 5.42 43.56 20.24
N LEU B 478 4.90 42.34 20.35
CA LEU B 478 3.63 42.10 21.08
C LEU B 478 3.77 41.69 22.53
N GLY B 479 4.97 41.30 22.97
CA GLY B 479 5.16 40.80 24.33
C GLY B 479 4.48 39.47 24.59
N VAL B 480 4.53 38.59 23.59
CA VAL B 480 3.92 37.26 23.64
C VAL B 480 5.01 36.23 23.46
N GLU B 481 4.73 35.02 23.94
CA GLU B 481 5.61 33.88 23.79
C GLU B 481 5.09 33.06 22.61
N LEU B 482 5.99 32.76 21.68
CA LEU B 482 5.68 31.90 20.54
C LEU B 482 6.52 30.63 20.50
N TRP B 483 7.55 30.51 21.35
CA TRP B 483 8.42 29.35 21.39
C TRP B 483 8.95 28.95 20.00
N PRO B 484 9.32 29.92 19.15
CA PRO B 484 9.74 29.49 17.81
C PRO B 484 11.01 28.65 17.83
N ALA B 485 11.06 27.66 16.96
CA ALA B 485 12.23 26.81 16.80
C ALA B 485 12.37 26.32 15.38
N ARG B 486 13.61 26.28 14.91
N ARG B 486 13.60 26.34 14.88
CA ARG B 486 13.95 25.78 13.58
CA ARG B 486 13.94 25.76 13.58
C ARG B 486 15.33 25.14 13.55
C ARG B 486 15.29 25.08 13.74
N THR B 487 15.37 23.84 13.28
CA THR B 487 16.64 23.13 13.18
C THR B 487 17.40 23.71 12.00
N PRO B 488 18.68 24.09 12.18
CA PRO B 488 19.41 24.61 11.03
C PRO B 488 19.33 23.67 9.83
N GLY B 489 19.07 24.23 8.66
CA GLY B 489 18.94 23.43 7.43
C GLY B 489 17.57 22.82 7.19
N ALA B 490 16.63 23.03 8.11
CA ALA B 490 15.29 22.49 7.94
C ALA B 490 14.40 23.48 7.20
N VAL B 491 13.40 22.96 6.51
CA VAL B 491 12.39 23.77 5.82
C VAL B 491 11.11 23.90 6.66
N THR B 492 11.19 23.58 7.94
CA THR B 492 10.04 23.74 8.84
C THR B 492 10.40 24.53 10.07
N VAL B 493 9.43 25.30 10.57
CA VAL B 493 9.54 26.08 11.79
C VAL B 493 8.39 25.71 12.69
N ARG B 494 8.68 25.49 13.97
CA ARG B 494 7.65 25.11 14.93
C ARG B 494 7.43 26.30 15.85
N PHE B 495 6.21 26.43 16.38
CA PHE B 495 5.84 27.51 17.30
C PHE B 495 4.56 27.16 18.05
N ARG B 496 4.19 27.98 19.03
CA ARG B 496 3.05 27.72 19.91
C ARG B 496 1.74 27.62 19.13
N LYS B 497 0.94 26.60 19.44
CA LYS B 497 -0.34 26.41 18.76
C LYS B 497 -1.29 27.58 18.98
N PRO B 498 -1.81 28.18 17.90
CA PRO B 498 -2.80 29.23 17.99
C PRO B 498 -4.22 28.68 18.14
N SER B 499 -5.22 29.53 17.93
CA SER B 499 -6.61 29.13 18.01
C SER B 499 -6.92 28.01 17.05
N ALA B 500 -7.90 27.19 17.41
CA ALA B 500 -8.36 26.11 16.54
C ALA B 500 -8.78 26.60 15.16
N GLU B 501 -9.43 27.77 15.09
N GLU B 501 -9.38 27.77 15.12
CA GLU B 501 -9.87 28.33 13.83
CA GLU B 501 -9.87 28.36 13.90
C GLU B 501 -8.67 28.66 12.93
C GLU B 501 -8.72 28.73 12.95
N LEU B 502 -7.62 29.26 13.50
CA LEU B 502 -6.45 29.59 12.70
C LEU B 502 -5.74 28.31 12.22
N VAL B 503 -5.63 27.33 13.10
CA VAL B 503 -5.06 26.03 12.74
C VAL B 503 -5.83 25.41 11.56
N ALA B 504 -7.15 25.47 11.62
CA ALA B 504 -7.98 24.91 10.54
C ALA B 504 -7.92 25.71 9.25
N LYS B 505 -7.75 27.03 9.33
CA LYS B 505 -7.66 27.84 8.14
C LYS B 505 -6.41 27.49 7.34
N TRP B 506 -5.29 27.40 8.07
CA TRP B 506 -3.99 27.24 7.43
C TRP B 506 -3.46 25.79 7.41
N SER B 507 -4.32 24.81 7.78
CA SER B 507 -3.91 23.39 7.87
C SER B 507 -2.61 23.23 8.63
N LEU B 508 -2.54 23.81 9.81
CA LEU B 508 -1.35 23.68 10.62
C LEU B 508 -1.36 22.29 11.23
N SER B 509 -0.24 21.57 11.12
CA SER B 509 -0.08 20.30 11.79
C SER B 509 0.35 20.53 13.24
N SER B 510 -0.18 19.73 14.14
CA SER B 510 -0.04 19.92 15.58
C SER B 510 0.75 18.76 16.18
N GLN B 511 1.52 19.07 17.20
CA GLN B 511 2.16 18.06 18.03
C GLN B 511 2.26 18.54 19.46
N ASP B 512 1.82 17.69 20.39
CA ASP B 512 2.05 17.90 21.80
C ASP B 512 3.35 17.24 22.21
N VAL B 513 4.07 17.91 23.12
CA VAL B 513 5.23 17.33 23.75
C VAL B 513 5.09 17.51 25.24
N LEU B 514 5.66 16.58 25.99
CA LEU B 514 5.82 16.75 27.40
C LEU B 514 7.25 17.17 27.58
N MET B 515 7.44 18.30 28.24
CA MET B 515 8.77 18.85 28.41
C MET B 515 9.58 17.99 29.39
N VAL B 516 8.90 17.29 30.29
CA VAL B 516 9.55 16.23 31.08
C VAL B 516 8.74 14.94 30.89
N PRO B 517 9.34 13.95 30.17
CA PRO B 517 8.66 12.68 29.86
C PRO B 517 8.01 12.02 31.07
N GLY B 518 6.79 11.52 30.88
CA GLY B 518 5.99 10.93 31.97
C GLY B 518 5.06 11.90 32.68
N ASP B 519 5.43 13.18 32.75
CA ASP B 519 4.69 14.18 33.52
C ASP B 519 3.71 14.97 32.64
N GLU B 520 2.43 14.70 32.82
CA GLU B 520 1.37 15.28 31.98
C GLU B 520 1.14 16.79 32.22
N THR B 521 1.63 17.33 33.33
CA THR B 521 1.54 18.77 33.62
C THR B 521 2.52 19.63 32.82
N THR B 522 3.50 19.02 32.15
CA THR B 522 4.49 19.75 31.35
C THR B 522 4.16 19.76 29.84
N ARG B 523 2.89 19.59 29.49
CA ARG B 523 2.50 19.55 28.07
C ARG B 523 2.61 20.92 27.44
N ARG B 524 3.18 20.96 26.22
CA ARG B 524 3.14 22.14 25.35
C ARG B 524 2.56 21.69 24.02
N SER B 525 1.70 22.52 23.43
CA SER B 525 1.16 22.27 22.11
C SER B 525 1.86 23.14 21.11
N TYR B 526 2.46 22.49 20.13
CA TYR B 526 3.12 23.13 19.01
C TYR B 526 2.34 22.93 17.72
N VAL B 527 2.56 23.85 16.79
CA VAL B 527 2.25 23.63 15.38
C VAL B 527 3.54 23.80 14.61
N HIS B 528 3.51 23.43 13.33
CA HIS B 528 4.58 23.79 12.44
C HIS B 528 4.11 24.25 11.10
N VAL B 529 5.02 24.96 10.44
CA VAL B 529 4.85 25.40 9.08
C VAL B 529 5.95 24.73 8.27
N PHE B 530 5.57 24.13 7.15
CA PHE B 530 6.52 23.62 6.15
C PHE B 530 6.62 24.55 4.98
N VAL B 531 7.83 25.05 4.73
CA VAL B 531 8.04 25.98 3.62
C VAL B 531 8.41 25.16 2.39
N MET B 532 7.37 24.79 1.64
CA MET B 532 7.49 24.06 0.38
C MET B 532 7.64 25.05 -0.76
N PRO B 533 7.97 24.59 -1.97
CA PRO B 533 8.13 25.55 -3.07
C PRO B 533 6.92 26.42 -3.41
N SER B 534 5.72 25.95 -3.05
CA SER B 534 4.49 26.71 -3.25
C SER B 534 4.14 27.71 -2.12
N VAL B 535 5.00 27.78 -1.11
CA VAL B 535 4.84 28.71 -0.01
C VAL B 535 5.76 29.89 -0.29
N ASP B 536 5.19 31.07 -0.48
CA ASP B 536 6.00 32.25 -0.74
C ASP B 536 5.90 33.26 0.40
N ARG B 537 6.65 34.35 0.23
CA ARG B 537 6.67 35.38 1.24
C ARG B 537 5.29 35.95 1.56
N ALA B 538 4.51 36.24 0.53
CA ALA B 538 3.18 36.81 0.76
C ALA B 538 2.31 35.90 1.62
N LYS B 539 2.38 34.60 1.35
CA LYS B 539 1.60 33.62 2.09
C LYS B 539 2.00 33.61 3.58
N LEU B 540 3.30 33.59 3.82
CA LEU B 540 3.81 33.65 5.19
C LEU B 540 3.45 34.97 5.89
N ASP B 541 3.56 36.10 5.17
CA ASP B 541 3.21 37.37 5.76
C ASP B 541 1.72 37.45 6.11
N ALA B 542 0.87 36.84 5.29
CA ALA B 542 -0.55 36.83 5.58
C ALA B 542 -0.85 35.99 6.83
N LEU B 543 -0.19 34.85 6.95
CA LEU B 543 -0.31 34.02 8.15
C LEU B 543 0.17 34.78 9.40
N LEU B 544 1.32 35.43 9.27
CA LEU B 544 1.88 36.17 10.39
C LEU B 544 0.98 37.31 10.85
N ALA B 545 0.32 37.97 9.90
CA ALA B 545 -0.60 39.06 10.28
C ALA B 545 -1.76 38.51 11.09
N GLU B 546 -2.24 37.31 10.74
CA GLU B 546 -3.31 36.69 11.51
C GLU B 546 -2.84 36.14 12.84
N LEU B 547 -1.64 35.57 12.87
CA LEU B 547 -1.08 35.11 14.13
C LEU B 547 -0.96 36.23 15.18
N ALA B 548 -0.60 37.42 14.72
CA ALA B 548 -0.45 38.59 15.59
C ALA B 548 -1.73 39.05 16.24
N GLU B 549 -2.88 38.68 15.66
CA GLU B 549 -4.20 39.05 16.21
C GLU B 549 -4.97 37.86 16.75
N ASP B 550 -4.32 36.71 16.88
CA ASP B 550 -5.00 35.47 17.26
C ASP B 550 -5.27 35.47 18.77
N PRO B 551 -6.50 35.05 19.18
CA PRO B 551 -6.83 35.15 20.61
C PRO B 551 -5.99 34.27 21.54
N VAL B 552 -5.57 33.09 21.07
CA VAL B 552 -4.72 32.23 21.88
C VAL B 552 -3.32 32.84 21.99
N ILE B 553 -2.80 33.33 20.87
CA ILE B 553 -1.46 33.93 20.87
C ILE B 553 -1.39 35.15 21.78
N LEU B 554 -2.40 36.01 21.71
CA LEU B 554 -2.40 37.23 22.53
C LEU B 554 -2.57 36.94 24.02
N GLY B 555 -3.32 35.89 24.36
CA GLY B 555 -3.35 35.35 25.73
C GLY B 555 -4.68 35.58 26.42
OAU G03 C . -4.16 -5.70 -8.47
PAT G03 C . -4.93 -5.23 -7.21
OAV G03 C . -5.94 -4.15 -7.52
OAW G03 C . -3.96 -4.88 -6.11
OAS G03 C . -5.85 -6.46 -6.76
CAR G03 C . -5.30 -7.70 -6.56
CAQ G03 C . -6.31 -8.70 -6.81
CAX G03 C . -6.74 -9.46 -5.72
NAY G03 C . -7.72 -10.47 -5.88
CAB G03 C . -8.26 -10.74 -7.06
CAA G03 C . -9.30 -11.82 -7.14
CAC G03 C . -7.85 -10.01 -8.17
OAD G03 C . -8.37 -10.33 -9.35
CAE G03 C . -6.90 -8.98 -8.07
CAF G03 C . -6.54 -8.25 -9.21
N G03 C . -6.19 -8.98 -10.42
CA G03 C . -5.66 -8.44 -11.68
C G03 C . -4.56 -9.39 -12.09
O G03 C . -3.90 -10.03 -11.26
OAN G03 C . -4.33 -9.43 -13.43
CAO G03 C . -4.10 -10.68 -14.13
CB G03 C . -5.10 -7.01 -11.56
CG G03 C . -5.04 -6.46 -13.00
SD G03 C . -6.69 -6.07 -13.71
CE G03 C . -7.14 -4.46 -13.09
OAU G03 D . 2.43 9.68 4.21
PAT G03 D . 3.38 8.86 3.27
OAV G03 D . 3.73 9.45 1.94
OAW G03 D . 2.91 7.45 3.22
OAS G03 D . 4.81 8.91 4.00
CAR G03 D . 4.95 8.60 5.35
CAQ G03 D . 6.10 9.35 5.85
CAX G03 D . 7.22 8.61 6.22
NAY G03 D . 8.37 9.24 6.71
CAB G03 D . 8.42 10.56 6.87
CAA G03 D . 9.68 11.16 7.40
CAC G03 D . 7.34 11.32 6.52
OAD G03 D . 7.40 12.65 6.71
CAE G03 D . 6.17 10.75 5.99
CAF G03 D . 5.09 11.58 5.65
N G03 D . 4.61 12.53 6.63
CA G03 D . 3.40 13.38 6.57
C G03 D . 2.85 13.30 7.96
O G03 D . 2.84 12.21 8.57
OAN G03 D . 2.49 14.50 8.48
CAO G03 D . 1.42 14.41 9.42
CB G03 D . 2.35 12.84 5.59
CG G03 D . 1.43 13.99 5.19
SD G03 D . 2.28 15.40 4.38
CE G03 D . 2.24 14.98 2.61
#